data_9HVN
# 
_entry.id   9HVN 
# 
_audit_conform.dict_name       mmcif_pdbx.dic 
_audit_conform.dict_version    5.408 
_audit_conform.dict_location   http://mmcif.pdb.org/dictionaries/ascii/mmcif_pdbx.dic 
# 
loop_
_database_2.database_id 
_database_2.database_code 
_database_2.pdbx_database_accession 
_database_2.pdbx_DOI 
PDB   9HVN         pdb_00009hvn 10.2210/pdb9hvn/pdb 
WWPDB D_1292144327 ?            ?                   
# 
loop_
_pdbx_audit_revision_history.ordinal 
_pdbx_audit_revision_history.data_content_type 
_pdbx_audit_revision_history.major_revision 
_pdbx_audit_revision_history.minor_revision 
_pdbx_audit_revision_history.revision_date 
_pdbx_audit_revision_history.part_number 
1 'Structure model' 1 0 2025-02-05 ? 
2 'Structure model' 1 1 2025-12-17 ? 
# 
_pdbx_audit_revision_details.ordinal             1 
_pdbx_audit_revision_details.revision_ordinal    1 
_pdbx_audit_revision_details.data_content_type   'Structure model' 
_pdbx_audit_revision_details.provider            repository 
_pdbx_audit_revision_details.type                'Initial release' 
_pdbx_audit_revision_details.description         ? 
_pdbx_audit_revision_details.details             ? 
# 
loop_
_pdbx_audit_revision_group.ordinal 
_pdbx_audit_revision_group.revision_ordinal 
_pdbx_audit_revision_group.data_content_type 
_pdbx_audit_revision_group.group 
1 2 'Structure model' 'Database references'  
2 2 'Structure model' 'Derived calculations' 
# 
loop_
_pdbx_audit_revision_category.ordinal 
_pdbx_audit_revision_category.revision_ordinal 
_pdbx_audit_revision_category.data_content_type 
_pdbx_audit_revision_category.category 
1 2 'Structure model' citation                  
2 2 'Structure model' citation_author           
3 2 'Structure model' pdbx_struct_assembly      
4 2 'Structure model' pdbx_struct_assembly_gen  
5 2 'Structure model' pdbx_struct_assembly_prop 
6 2 'Structure model' pdbx_struct_oper_list     
# 
loop_
_pdbx_audit_revision_item.ordinal 
_pdbx_audit_revision_item.revision_ordinal 
_pdbx_audit_revision_item.data_content_type 
_pdbx_audit_revision_item.item 
1  2 'Structure model' '_citation.country'                         
2  2 'Structure model' '_citation.journal_abbrev'                  
3  2 'Structure model' '_citation.journal_id_CSD'                  
4  2 'Structure model' '_citation.journal_id_ISSN'                 
5  2 'Structure model' '_citation.journal_volume'                  
6  2 'Structure model' '_citation.page_first'                      
7  2 'Structure model' '_citation.page_last'                       
8  2 'Structure model' '_citation.pdbx_database_id_DOI'            
9  2 'Structure model' '_citation.pdbx_database_id_PubMed'         
10 2 'Structure model' '_citation.title'                           
11 2 'Structure model' '_citation.year'                            
12 2 'Structure model' '_pdbx_struct_assembly_prop.biol_id'        
13 2 'Structure model' '_pdbx_struct_assembly_prop.value'          
14 2 'Structure model' '_pdbx_struct_oper_list.name'               
15 2 'Structure model' '_pdbx_struct_oper_list.symmetry_operation' 
16 2 'Structure model' '_pdbx_struct_oper_list.vector[1]'          
17 2 'Structure model' '_pdbx_struct_oper_list.vector[2]'          
# 
_pdbx_database_status.status_code                     REL 
_pdbx_database_status.status_code_sf                  REL 
_pdbx_database_status.status_code_mr                  ? 
_pdbx_database_status.entry_id                        9HVN 
_pdbx_database_status.recvd_initial_deposition_date   2024-12-31 
_pdbx_database_status.SG_entry                        N 
_pdbx_database_status.deposit_site                    PDBE 
_pdbx_database_status.process_site                    PDBE 
_pdbx_database_status.status_code_cs                  ? 
_pdbx_database_status.status_code_nmr_data            ? 
_pdbx_database_status.methods_development_category    ? 
_pdbx_database_status.pdb_format_compatible           Y 
# 
_pdbx_contact_author.id                 2 
_pdbx_contact_author.email              kornelius.zeth@gmail.com 
_pdbx_contact_author.name_first         Zeth 
_pdbx_contact_author.name_last          Kornelius 
_pdbx_contact_author.name_mi            ? 
_pdbx_contact_author.role               'principal investigator/group leader' 
_pdbx_contact_author.identifier_ORCID   0000-0002-7078-6569 
# 
loop_
_audit_author.name 
_audit_author.pdbx_ordinal 
_audit_author.identifier_ORCID 
'Zeth, K.'          1 0000-0002-7078-6569 
'Sancho-Vaello, E.' 2 0000-0003-1383-2001 
# 
_citation.abstract                  ? 
_citation.abstract_id_CAS           ? 
_citation.book_id_ISBN              ? 
_citation.book_publisher            ? 
_citation.book_publisher_city       ? 
_citation.book_title                ? 
_citation.coordinate_linkage        ? 
_citation.country                   UK 
_citation.database_id_Medline       ? 
_citation.details                   ? 
_citation.id                        primary 
_citation.journal_abbrev            'Sci Rep' 
_citation.journal_id_ASTM           ? 
_citation.journal_id_CSD            ? 
_citation.journal_id_ISSN           2045-2322 
_citation.journal_full              ? 
_citation.journal_issue             ? 
_citation.journal_volume            15 
_citation.language                  ? 
_citation.page_first                39830 
_citation.page_last                 39830 
_citation.title                     
'Structure of a barrel-stave pore formed by magainin-2 reveals anion selectivity and zipper-mediated assembly.' 
_citation.year                      2025 
_citation.database_id_CSD           ? 
_citation.pdbx_database_id_DOI      10.1038/s41598-025-23539-1 
_citation.pdbx_database_id_PubMed   41233432 
_citation.pdbx_database_id_patent   ? 
_citation.unpublished_flag          ? 
# 
loop_
_citation_author.citation_id 
_citation_author.name 
_citation_author.ordinal 
_citation_author.identifier_ORCID 
primary 'Sancho-Vaello, E.' 1 ? 
primary 'Kucukyildiz, H.'   2 ? 
primary 'Gil-Carton, D.'    3 ? 
primary 'Biarnes, X.'       4 ? 
primary 'Zeth, K.'          5 ? 
# 
loop_
_entity.id 
_entity.type 
_entity.src_method 
_entity.pdbx_description 
_entity.formula_weight 
_entity.pdbx_number_of_molecules 
_entity.pdbx_ec 
_entity.pdbx_mutation 
_entity.pdbx_fragment 
_entity.details 
1 polymer syn Magainins 2471.937 1  ? ? ? ? 
2 water   nat water     18.015   10 ? ? ? ? 
# 
_entity_poly.entity_id                      1 
_entity_poly.type                           'polypeptide(L)' 
_entity_poly.nstd_linkage                   no 
_entity_poly.nstd_monomer                   no 
_entity_poly.pdbx_seq_one_letter_code       GIGKFLHSAKKFGKAFVGEIMNS 
_entity_poly.pdbx_seq_one_letter_code_can   GIGKFLHSAKKFGKAFVGEIMNS 
_entity_poly.pdbx_strand_id                 A 
_entity_poly.pdbx_target_identifier         ? 
# 
_pdbx_entity_nonpoly.entity_id   2 
_pdbx_entity_nonpoly.name        water 
_pdbx_entity_nonpoly.comp_id     HOH 
# 
loop_
_entity_poly_seq.entity_id 
_entity_poly_seq.num 
_entity_poly_seq.mon_id 
_entity_poly_seq.hetero 
1 1  GLY n 
1 2  ILE n 
1 3  GLY n 
1 4  LYS n 
1 5  PHE n 
1 6  LEU n 
1 7  HIS n 
1 8  SER n 
1 9  ALA n 
1 10 LYS n 
1 11 LYS n 
1 12 PHE n 
1 13 GLY n 
1 14 LYS n 
1 15 ALA n 
1 16 PHE n 
1 17 VAL n 
1 18 GLY n 
1 19 GLU n 
1 20 ILE n 
1 21 MET n 
1 22 ASN n 
1 23 SER n 
# 
_pdbx_entity_src_syn.entity_id              1 
_pdbx_entity_src_syn.pdbx_src_id            1 
_pdbx_entity_src_syn.pdbx_alt_source_flag   sample 
_pdbx_entity_src_syn.pdbx_beg_seq_num       1 
_pdbx_entity_src_syn.pdbx_end_seq_num       23 
_pdbx_entity_src_syn.organism_scientific    'Xenopus laevis' 
_pdbx_entity_src_syn.organism_common_name   'African clawed frog' 
_pdbx_entity_src_syn.ncbi_taxonomy_id       8355 
_pdbx_entity_src_syn.details                ? 
# 
loop_
_chem_comp.id 
_chem_comp.type 
_chem_comp.mon_nstd_flag 
_chem_comp.name 
_chem_comp.pdbx_synonyms 
_chem_comp.formula 
_chem_comp.formula_weight 
ALA 'L-peptide linking' y ALANINE         ? 'C3 H7 N O2'     89.093  
ASN 'L-peptide linking' y ASPARAGINE      ? 'C4 H8 N2 O3'    132.118 
GLU 'L-peptide linking' y 'GLUTAMIC ACID' ? 'C5 H9 N O4'     147.129 
GLY 'peptide linking'   y GLYCINE         ? 'C2 H5 N O2'     75.067  
HIS 'L-peptide linking' y HISTIDINE       ? 'C6 H10 N3 O2 1' 156.162 
HOH non-polymer         . WATER           ? 'H2 O'           18.015  
ILE 'L-peptide linking' y ISOLEUCINE      ? 'C6 H13 N O2'    131.173 
LEU 'L-peptide linking' y LEUCINE         ? 'C6 H13 N O2'    131.173 
LYS 'L-peptide linking' y LYSINE          ? 'C6 H15 N2 O2 1' 147.195 
MET 'L-peptide linking' y METHIONINE      ? 'C5 H11 N O2 S'  149.211 
PHE 'L-peptide linking' y PHENYLALANINE   ? 'C9 H11 N O2'    165.189 
SER 'L-peptide linking' y SERINE          ? 'C3 H7 N O3'     105.093 
VAL 'L-peptide linking' y VALINE          ? 'C5 H11 N O2'    117.146 
# 
loop_
_pdbx_poly_seq_scheme.asym_id 
_pdbx_poly_seq_scheme.entity_id 
_pdbx_poly_seq_scheme.seq_id 
_pdbx_poly_seq_scheme.mon_id 
_pdbx_poly_seq_scheme.ndb_seq_num 
_pdbx_poly_seq_scheme.pdb_seq_num 
_pdbx_poly_seq_scheme.auth_seq_num 
_pdbx_poly_seq_scheme.pdb_mon_id 
_pdbx_poly_seq_scheme.auth_mon_id 
_pdbx_poly_seq_scheme.pdb_strand_id 
_pdbx_poly_seq_scheme.pdb_ins_code 
_pdbx_poly_seq_scheme.hetero 
A 1 1  GLY 1  1  1  GLY GLY A . n 
A 1 2  ILE 2  2  2  ILE ILE A . n 
A 1 3  GLY 3  3  3  GLY GLY A . n 
A 1 4  LYS 4  4  4  LYS LYS A . n 
A 1 5  PHE 5  5  5  PHE PHE A . n 
A 1 6  LEU 6  6  6  LEU LEU A . n 
A 1 7  HIS 7  7  7  HIS HIS A . n 
A 1 8  SER 8  8  8  SER SER A . n 
A 1 9  ALA 9  9  9  ALA ALA A . n 
A 1 10 LYS 10 10 10 LYS LYS A . n 
A 1 11 LYS 11 11 11 LYS LYS A . n 
A 1 12 PHE 12 12 12 PHE PHE A . n 
A 1 13 GLY 13 13 13 GLY GLY A . n 
A 1 14 LYS 14 14 14 LYS LYS A . n 
A 1 15 ALA 15 15 15 ALA ALA A . n 
A 1 16 PHE 16 16 16 PHE PHE A . n 
A 1 17 VAL 17 17 17 VAL VAL A . n 
A 1 18 GLY 18 18 18 GLY GLY A . n 
A 1 19 GLU 19 19 19 GLU GLU A . n 
A 1 20 ILE 20 20 20 ILE ILE A . n 
A 1 21 MET 21 21 21 MET MET A . n 
A 1 22 ASN 22 22 22 ASN ASN A . n 
A 1 23 SER 23 23 23 SER SER A . n 
# 
loop_
_pdbx_nonpoly_scheme.asym_id 
_pdbx_nonpoly_scheme.entity_id 
_pdbx_nonpoly_scheme.mon_id 
_pdbx_nonpoly_scheme.ndb_seq_num 
_pdbx_nonpoly_scheme.pdb_seq_num 
_pdbx_nonpoly_scheme.auth_seq_num 
_pdbx_nonpoly_scheme.pdb_mon_id 
_pdbx_nonpoly_scheme.auth_mon_id 
_pdbx_nonpoly_scheme.pdb_strand_id 
_pdbx_nonpoly_scheme.pdb_ins_code 
B 2 HOH 1  101 3  HOH HOH A . 
B 2 HOH 2  102 2  HOH HOH A . 
B 2 HOH 3  103 1  HOH HOH A . 
B 2 HOH 4  104 9  HOH HOH A . 
B 2 HOH 5  105 10 HOH HOH A . 
B 2 HOH 6  106 4  HOH HOH A . 
B 2 HOH 7  107 8  HOH HOH A . 
B 2 HOH 8  108 7  HOH HOH A . 
B 2 HOH 9  109 6  HOH HOH A . 
B 2 HOH 10 110 5  HOH HOH A . 
# 
loop_
_pdbx_unobs_or_zero_occ_atoms.id 
_pdbx_unobs_or_zero_occ_atoms.PDB_model_num 
_pdbx_unobs_or_zero_occ_atoms.polymer_flag 
_pdbx_unobs_or_zero_occ_atoms.occupancy_flag 
_pdbx_unobs_or_zero_occ_atoms.auth_asym_id 
_pdbx_unobs_or_zero_occ_atoms.auth_comp_id 
_pdbx_unobs_or_zero_occ_atoms.auth_seq_id 
_pdbx_unobs_or_zero_occ_atoms.PDB_ins_code 
_pdbx_unobs_or_zero_occ_atoms.auth_atom_id 
_pdbx_unobs_or_zero_occ_atoms.label_alt_id 
_pdbx_unobs_or_zero_occ_atoms.label_asym_id 
_pdbx_unobs_or_zero_occ_atoms.label_comp_id 
_pdbx_unobs_or_zero_occ_atoms.label_seq_id 
_pdbx_unobs_or_zero_occ_atoms.label_atom_id 
1 1 Y 1 A SER 23 ? CA ? A SER 23 CA 
2 1 Y 1 A SER 23 ? C  ? A SER 23 C  
3 1 Y 1 A SER 23 ? O  ? A SER 23 O  
4 1 Y 1 A SER 23 ? CB ? A SER 23 CB 
5 1 Y 1 A SER 23 ? OG ? A SER 23 OG 
# 
loop_
_software.citation_id 
_software.classification 
_software.compiler_name 
_software.compiler_version 
_software.contact_author 
_software.contact_author_email 
_software.date 
_software.description 
_software.dependencies 
_software.hardware 
_software.language 
_software.location 
_software.mods 
_software.name 
_software.os 
_software.os_version 
_software.type 
_software.version 
_software.pdbx_ordinal 
? refinement       ? ? ? ? ? ? ? ? ? ? ? REFMAC    ? ? ? 5.8.0403 1 
? 'data reduction' ? ? ? ? ? ? ? ? ? ? ? XDS       ? ? ? .        2 
? 'data scaling'   ? ? ? ? ? ? ? ? ? ? ? XSCALE    ? ? ? .        3 
? phasing          ? ? ? ? ? ? ? ? ? ? ? BUCCANEER ? ? ? .        4 
# 
_cell.angle_alpha                  90.000 
_cell.angle_alpha_esd              ? 
_cell.angle_beta                   90.000 
_cell.angle_beta_esd               ? 
_cell.angle_gamma                  120.000 
_cell.angle_gamma_esd              ? 
_cell.entry_id                     9HVN 
_cell.details                      ? 
_cell.formula_units_Z              ? 
_cell.length_a                     34.359 
_cell.length_a_esd                 ? 
_cell.length_b                     34.359 
_cell.length_b_esd                 ? 
_cell.length_c                     55.795 
_cell.length_c_esd                 ? 
_cell.volume                       ? 
_cell.volume_esd                   ? 
_cell.Z_PDB                        12 
_cell.reciprocal_angle_alpha       ? 
_cell.reciprocal_angle_beta        ? 
_cell.reciprocal_angle_gamma       ? 
_cell.reciprocal_angle_alpha_esd   ? 
_cell.reciprocal_angle_beta_esd    ? 
_cell.reciprocal_angle_gamma_esd   ? 
_cell.reciprocal_length_a          ? 
_cell.reciprocal_length_b          ? 
_cell.reciprocal_length_c          ? 
_cell.reciprocal_length_a_esd      ? 
_cell.reciprocal_length_b_esd      ? 
_cell.reciprocal_length_c_esd      ? 
_cell.pdbx_unique_axis             ? 
_cell.pdbx_esd_method              ? 
# 
_symmetry.entry_id                         9HVN 
_symmetry.cell_setting                     ? 
_symmetry.Int_Tables_number                182 
_symmetry.space_group_name_Hall            ? 
_symmetry.space_group_name_H-M             'P 63 2 2' 
_symmetry.pdbx_full_space_group_name_H-M   ? 
# 
_exptl.absorpt_coefficient_mu     ? 
_exptl.absorpt_correction_T_max   ? 
_exptl.absorpt_correction_T_min   ? 
_exptl.absorpt_correction_type    ? 
_exptl.absorpt_process_details    ? 
_exptl.entry_id                   9HVN 
_exptl.crystals_number            1 
_exptl.details                    ? 
_exptl.method                     'X-RAY DIFFRACTION' 
_exptl.method_details             ? 
# 
_exptl_crystal.colour                       ? 
_exptl_crystal.density_diffrn               ? 
_exptl_crystal.density_Matthews             1.92 
_exptl_crystal.density_method               ? 
_exptl_crystal.density_percent_sol          36.04 
_exptl_crystal.description                  ? 
_exptl_crystal.F_000                        ? 
_exptl_crystal.id                           1 
_exptl_crystal.preparation                  ? 
_exptl_crystal.size_max                     ? 
_exptl_crystal.size_mid                     ? 
_exptl_crystal.size_min                     ? 
_exptl_crystal.size_rad                     ? 
_exptl_crystal.colour_lustre                ? 
_exptl_crystal.colour_modifier              ? 
_exptl_crystal.colour_primary               ? 
_exptl_crystal.density_meas                 ? 
_exptl_crystal.density_meas_esd             ? 
_exptl_crystal.density_meas_gt              ? 
_exptl_crystal.density_meas_lt              ? 
_exptl_crystal.density_meas_temp            ? 
_exptl_crystal.density_meas_temp_esd        ? 
_exptl_crystal.density_meas_temp_gt         ? 
_exptl_crystal.density_meas_temp_lt         ? 
_exptl_crystal.pdbx_crystal_image_url       ? 
_exptl_crystal.pdbx_crystal_image_format    ? 
_exptl_crystal.pdbx_mosaicity               ? 
_exptl_crystal.pdbx_mosaicity_esd           ? 
_exptl_crystal.pdbx_mosaic_method           ? 
_exptl_crystal.pdbx_mosaic_block_size       ? 
_exptl_crystal.pdbx_mosaic_block_size_esd   ? 
# 
_exptl_crystal_grow.apparatus       ? 
_exptl_crystal_grow.atmosphere      ? 
_exptl_crystal_grow.crystal_id      1 
_exptl_crystal_grow.details         ? 
_exptl_crystal_grow.method          'VAPOR DIFFUSION, SITTING DROP' 
_exptl_crystal_grow.method_ref      ? 
_exptl_crystal_grow.pH              7 
_exptl_crystal_grow.pressure        ? 
_exptl_crystal_grow.pressure_esd    ? 
_exptl_crystal_grow.seeding         ? 
_exptl_crystal_grow.seeding_ref     ? 
_exptl_crystal_grow.temp_details    ? 
_exptl_crystal_grow.temp_esd        ? 
_exptl_crystal_grow.time            ? 
_exptl_crystal_grow.pdbx_details    '35% MPD, 20 mM HEPES, pH 7' 
_exptl_crystal_grow.pdbx_pH_range   ? 
_exptl_crystal_grow.temp            293 
# 
_diffrn.ambient_environment              ? 
_diffrn.ambient_temp                     100 
_diffrn.ambient_temp_details             ? 
_diffrn.ambient_temp_esd                 ? 
_diffrn.crystal_id                       1 
_diffrn.crystal_support                  ? 
_diffrn.crystal_treatment                ? 
_diffrn.details                          ? 
_diffrn.id                               1 
_diffrn.ambient_pressure                 ? 
_diffrn.ambient_pressure_esd             ? 
_diffrn.ambient_pressure_gt              ? 
_diffrn.ambient_pressure_lt              ? 
_diffrn.ambient_temp_gt                  ? 
_diffrn.ambient_temp_lt                  ? 
_diffrn.pdbx_serial_crystal_experiment   N 
# 
_diffrn_detector.details                      ? 
_diffrn_detector.detector                     PIXEL 
_diffrn_detector.diffrn_id                    1 
_diffrn_detector.type                         'DECTRIS PILATUS 6M' 
_diffrn_detector.area_resol_mean              ? 
_diffrn_detector.dtime                        ? 
_diffrn_detector.pdbx_frames_total            ? 
_diffrn_detector.pdbx_collection_time_total   ? 
_diffrn_detector.pdbx_collection_date         2017-12-07 
_diffrn_detector.pdbx_frequency               ? 
_diffrn_detector.id                           ? 
_diffrn_detector.number_of_axes               ? 
# 
_diffrn_radiation.collimation                      ? 
_diffrn_radiation.diffrn_id                        1 
_diffrn_radiation.filter_edge                      ? 
_diffrn_radiation.inhomogeneity                    ? 
_diffrn_radiation.monochromator                    ? 
_diffrn_radiation.polarisn_norm                    ? 
_diffrn_radiation.polarisn_ratio                   ? 
_diffrn_radiation.probe                            ? 
_diffrn_radiation.type                             ? 
_diffrn_radiation.xray_symbol                      ? 
_diffrn_radiation.wavelength_id                    1 
_diffrn_radiation.pdbx_monochromatic_or_laue_m_l   M 
_diffrn_radiation.pdbx_wavelength_list             ? 
_diffrn_radiation.pdbx_wavelength                  ? 
_diffrn_radiation.pdbx_diffrn_protocol             'SINGLE WAVELENGTH' 
_diffrn_radiation.pdbx_analyzer                    ? 
_diffrn_radiation.pdbx_scattering_type             x-ray 
# 
_diffrn_radiation_wavelength.id           1 
_diffrn_radiation_wavelength.wavelength   1 
_diffrn_radiation_wavelength.wt           1.0 
# 
_diffrn_source.current                     ? 
_diffrn_source.details                     ? 
_diffrn_source.diffrn_id                   1 
_diffrn_source.power                       ? 
_diffrn_source.size                        ? 
_diffrn_source.source                      SYNCHROTRON 
_diffrn_source.target                      ? 
_diffrn_source.type                        'PETRA III, EMBL c/o DESY BEAMLINE P13 (MX1)' 
_diffrn_source.voltage                     ? 
_diffrn_source.take-off_angle              ? 
_diffrn_source.pdbx_wavelength_list        1 
_diffrn_source.pdbx_wavelength             ? 
_diffrn_source.pdbx_synchrotron_beamline   'P13 (MX1)' 
_diffrn_source.pdbx_synchrotron_site       'PETRA III, EMBL c/o DESY' 
# 
_reflns.B_iso_Wilson_estimate                          ? 
_reflns.entry_id                                       9HVN 
_reflns.data_reduction_details                         ? 
_reflns.data_reduction_method                          ? 
_reflns.d_resolution_high                              1.05 
_reflns.d_resolution_low                               29.76 
_reflns.details                                        ? 
_reflns.limit_h_max                                    ? 
_reflns.limit_h_min                                    ? 
_reflns.limit_k_max                                    ? 
_reflns.limit_k_min                                    ? 
_reflns.limit_l_max                                    ? 
_reflns.limit_l_min                                    ? 
_reflns.number_all                                     ? 
_reflns.number_obs                                     9455 
_reflns.observed_criterion                             ? 
_reflns.observed_criterion_F_max                       ? 
_reflns.observed_criterion_F_min                       ? 
_reflns.observed_criterion_I_max                       ? 
_reflns.observed_criterion_I_min                       ? 
_reflns.observed_criterion_sigma_F                     ? 
_reflns.observed_criterion_sigma_I                     ? 
_reflns.percent_possible_obs                           97.81 
_reflns.R_free_details                                 ? 
_reflns.Rmerge_F_all                                   ? 
_reflns.Rmerge_F_obs                                   ? 
_reflns.Friedel_coverage                               ? 
_reflns.number_gt                                      ? 
_reflns.threshold_expression                           ? 
_reflns.pdbx_redundancy                                8.1 
_reflns.pdbx_netI_over_av_sigmaI                       ? 
_reflns.pdbx_netI_over_sigmaI                          27.36 
_reflns.pdbx_res_netI_over_av_sigmaI_2                 ? 
_reflns.pdbx_res_netI_over_sigmaI_2                    ? 
_reflns.pdbx_chi_squared                               ? 
_reflns.pdbx_scaling_rejects                           ? 
_reflns.pdbx_d_res_high_opt                            ? 
_reflns.pdbx_d_res_low_opt                             ? 
_reflns.pdbx_d_res_opt_method                          ? 
_reflns.phase_calculation_details                      ? 
_reflns.pdbx_Rrim_I_all                                ? 
_reflns.pdbx_Rpim_I_all                                ? 
_reflns.pdbx_d_opt                                     ? 
_reflns.pdbx_number_measured_all                       ? 
_reflns.pdbx_diffrn_id                                 1 
_reflns.pdbx_ordinal                                   1 
_reflns.pdbx_CC_half                                   0.99 
_reflns.pdbx_CC_star                                   ? 
_reflns.pdbx_R_split                                   ? 
_reflns.pdbx_Rmerge_I_obs                              0.029 
_reflns.pdbx_Rmerge_I_all                              ? 
_reflns.pdbx_Rsym_value                                ? 
_reflns.pdbx_CC_split_method                           ? 
_reflns.pdbx_aniso_diffraction_limit_axis_1_ortho[1]   ? 
_reflns.pdbx_aniso_diffraction_limit_axis_1_ortho[2]   ? 
_reflns.pdbx_aniso_diffraction_limit_axis_1_ortho[3]   ? 
_reflns.pdbx_aniso_diffraction_limit_axis_2_ortho[1]   ? 
_reflns.pdbx_aniso_diffraction_limit_axis_2_ortho[2]   ? 
_reflns.pdbx_aniso_diffraction_limit_axis_2_ortho[3]   ? 
_reflns.pdbx_aniso_diffraction_limit_axis_3_ortho[1]   ? 
_reflns.pdbx_aniso_diffraction_limit_axis_3_ortho[2]   ? 
_reflns.pdbx_aniso_diffraction_limit_axis_3_ortho[3]   ? 
_reflns.pdbx_aniso_diffraction_limit_1                 ? 
_reflns.pdbx_aniso_diffraction_limit_2                 ? 
_reflns.pdbx_aniso_diffraction_limit_3                 ? 
_reflns.pdbx_aniso_B_tensor_eigenvector_1_ortho[1]     ? 
_reflns.pdbx_aniso_B_tensor_eigenvector_1_ortho[2]     ? 
_reflns.pdbx_aniso_B_tensor_eigenvector_1_ortho[3]     ? 
_reflns.pdbx_aniso_B_tensor_eigenvector_2_ortho[1]     ? 
_reflns.pdbx_aniso_B_tensor_eigenvector_2_ortho[2]     ? 
_reflns.pdbx_aniso_B_tensor_eigenvector_2_ortho[3]     ? 
_reflns.pdbx_aniso_B_tensor_eigenvector_3_ortho[1]     ? 
_reflns.pdbx_aniso_B_tensor_eigenvector_3_ortho[2]     ? 
_reflns.pdbx_aniso_B_tensor_eigenvector_3_ortho[3]     ? 
_reflns.pdbx_aniso_B_tensor_eigenvalue_1               ? 
_reflns.pdbx_aniso_B_tensor_eigenvalue_2               ? 
_reflns.pdbx_aniso_B_tensor_eigenvalue_3               ? 
_reflns.pdbx_orthogonalization_convention              ? 
_reflns.pdbx_percent_possible_ellipsoidal              ? 
_reflns.pdbx_percent_possible_spherical                ? 
_reflns.pdbx_percent_possible_ellipsoidal_anomalous    ? 
_reflns.pdbx_percent_possible_spherical_anomalous      ? 
_reflns.pdbx_redundancy_anomalous                      ? 
_reflns.pdbx_CC_half_anomalous                         ? 
_reflns.pdbx_absDiff_over_sigma_anomalous              ? 
_reflns.pdbx_percent_possible_anomalous                ? 
_reflns.pdbx_observed_signal_threshold                 ? 
_reflns.pdbx_signal_type                               ? 
_reflns.pdbx_signal_details                            ? 
_reflns.pdbx_signal_software_id                        ? 
# 
_reflns_shell.d_res_high                                    1.05 
_reflns_shell.d_res_low                                     1.077 
_reflns_shell.meanI_over_sigI_all                           ? 
_reflns_shell.meanI_over_sigI_obs                           ? 
_reflns_shell.number_measured_all                           ? 
_reflns_shell.number_measured_obs                           ? 
_reflns_shell.number_possible                               ? 
_reflns_shell.number_unique_all                             ? 
_reflns_shell.number_unique_obs                             576 
_reflns_shell.percent_possible_obs                          ? 
_reflns_shell.Rmerge_F_all                                  ? 
_reflns_shell.Rmerge_F_obs                                  ? 
_reflns_shell.meanI_over_sigI_gt                            ? 
_reflns_shell.meanI_over_uI_all                             ? 
_reflns_shell.meanI_over_uI_gt                              ? 
_reflns_shell.number_measured_gt                            ? 
_reflns_shell.number_unique_gt                              ? 
_reflns_shell.percent_possible_gt                           ? 
_reflns_shell.Rmerge_F_gt                                   ? 
_reflns_shell.Rmerge_I_gt                                   ? 
_reflns_shell.pdbx_redundancy                               4.35 
_reflns_shell.pdbx_chi_squared                              ? 
_reflns_shell.pdbx_netI_over_sigmaI_all                     ? 
_reflns_shell.pdbx_netI_over_sigmaI_obs                     ? 
_reflns_shell.pdbx_Rrim_I_all                               ? 
_reflns_shell.pdbx_Rpim_I_all                               ? 
_reflns_shell.pdbx_rejects                                  ? 
_reflns_shell.pdbx_ordinal                                  1 
_reflns_shell.pdbx_diffrn_id                                1 
_reflns_shell.pdbx_CC_half                                  0.51 
_reflns_shell.pdbx_CC_star                                  ? 
_reflns_shell.pdbx_R_split                                  ? 
_reflns_shell.percent_possible_all                          ? 
_reflns_shell.Rmerge_I_all                                  ? 
_reflns_shell.Rmerge_I_obs                                  0.92 
_reflns_shell.pdbx_Rsym_value                               ? 
_reflns_shell.pdbx_percent_possible_ellipsoidal             ? 
_reflns_shell.pdbx_percent_possible_spherical               ? 
_reflns_shell.pdbx_percent_possible_ellipsoidal_anomalous   ? 
_reflns_shell.pdbx_percent_possible_spherical_anomalous     ? 
_reflns_shell.pdbx_redundancy_anomalous                     ? 
_reflns_shell.pdbx_CC_half_anomalous                        ? 
_reflns_shell.pdbx_absDiff_over_sigma_anomalous             ? 
_reflns_shell.pdbx_percent_possible_anomalous               ? 
# 
_refine.aniso_B[1][1]                            -0.035 
_refine.aniso_B[1][2]                            -0.017 
_refine.aniso_B[1][3]                            -0.000 
_refine.aniso_B[2][2]                            -0.035 
_refine.aniso_B[2][3]                            0.000 
_refine.aniso_B[3][3]                            0.113 
_refine.B_iso_max                                ? 
_refine.B_iso_mean                               22.402 
_refine.B_iso_min                                ? 
_refine.correlation_coeff_Fo_to_Fc               0.951 
_refine.correlation_coeff_Fo_to_Fc_free          0.958 
_refine.details                                  'Hydrogens have been added in their riding positions' 
_refine.diff_density_max                         ? 
_refine.diff_density_max_esd                     ? 
_refine.diff_density_min                         ? 
_refine.diff_density_min_esd                     ? 
_refine.diff_density_rms                         ? 
_refine.diff_density_rms_esd                     ? 
_refine.entry_id                                 9HVN 
_refine.pdbx_refine_id                           'X-RAY DIFFRACTION' 
_refine.ls_abs_structure_details                 ? 
_refine.ls_abs_structure_Flack                   ? 
_refine.ls_abs_structure_Flack_esd               ? 
_refine.ls_abs_structure_Rogers                  ? 
_refine.ls_abs_structure_Rogers_esd              ? 
_refine.ls_d_res_high                            1.050 
_refine.ls_d_res_low                             29.756 
_refine.ls_extinction_coef                       ? 
_refine.ls_extinction_coef_esd                   ? 
_refine.ls_extinction_expression                 ? 
_refine.ls_extinction_method                     ? 
_refine.ls_goodness_of_fit_all                   ? 
_refine.ls_goodness_of_fit_all_esd               ? 
_refine.ls_goodness_of_fit_obs                   ? 
_refine.ls_goodness_of_fit_obs_esd               ? 
_refine.ls_hydrogen_treatment                    ? 
_refine.ls_matrix_type                           ? 
_refine.ls_number_constraints                    ? 
_refine.ls_number_parameters                     ? 
_refine.ls_number_reflns_all                     ? 
_refine.ls_number_reflns_obs                     9455 
_refine.ls_number_reflns_R_free                  946 
_refine.ls_number_reflns_R_work                  8509 
_refine.ls_number_restraints                     ? 
_refine.ls_percent_reflns_obs                    97.807 
_refine.ls_percent_reflns_R_free                 10.005 
_refine.ls_R_factor_all                          0.168 
_refine.ls_R_factor_obs                          ? 
_refine.ls_R_factor_R_free                       0.1770 
_refine.ls_R_factor_R_free_error                 ? 
_refine.ls_R_factor_R_free_error_details         ? 
_refine.ls_R_factor_R_work                       0.1674 
_refine.ls_R_Fsqd_factor_obs                     ? 
_refine.ls_R_I_factor_obs                        ? 
_refine.ls_redundancy_reflns_all                 ? 
_refine.ls_redundancy_reflns_obs                 ? 
_refine.ls_restrained_S_all                      ? 
_refine.ls_restrained_S_obs                      ? 
_refine.ls_shift_over_esd_max                    ? 
_refine.ls_shift_over_esd_mean                   ? 
_refine.ls_structure_factor_coef                 ? 
_refine.ls_weighting_details                     ? 
_refine.ls_weighting_scheme                      ? 
_refine.ls_wR_factor_all                         ? 
_refine.ls_wR_factor_obs                         ? 
_refine.ls_wR_factor_R_free                      ? 
_refine.ls_wR_factor_R_work                      ? 
_refine.occupancy_max                            ? 
_refine.occupancy_min                            ? 
_refine.solvent_model_details                    'MASK BULK SOLVENT' 
_refine.solvent_model_param_bsol                 ? 
_refine.solvent_model_param_ksol                 ? 
_refine.pdbx_R_complete                          ? 
_refine.ls_R_factor_gt                           ? 
_refine.ls_goodness_of_fit_gt                    ? 
_refine.ls_goodness_of_fit_ref                   ? 
_refine.ls_shift_over_su_max                     ? 
_refine.ls_shift_over_su_max_lt                  ? 
_refine.ls_shift_over_su_mean                    ? 
_refine.ls_shift_over_su_mean_lt                 ? 
_refine.pdbx_ls_sigma_I                          ? 
_refine.pdbx_ls_sigma_F                          ? 
_refine.pdbx_ls_sigma_Fsqd                       ? 
_refine.pdbx_data_cutoff_high_absF               ? 
_refine.pdbx_data_cutoff_high_rms_absF           ? 
_refine.pdbx_data_cutoff_low_absF                ? 
_refine.pdbx_isotropic_thermal_model             ? 
_refine.pdbx_ls_cross_valid_method               'FREE R-VALUE' 
_refine.pdbx_method_to_determine_struct          'MOLECULAR REPLACEMENT' 
_refine.pdbx_starting_model                      ? 
_refine.pdbx_stereochemistry_target_values       ? 
_refine.pdbx_R_Free_selection_details            ? 
_refine.pdbx_stereochem_target_val_spec_case     ? 
_refine.pdbx_overall_ESU_R                       0.032 
_refine.pdbx_overall_ESU_R_Free                  0.030 
_refine.pdbx_solvent_vdw_probe_radii             1.200 
_refine.pdbx_solvent_ion_probe_radii             0.800 
_refine.pdbx_solvent_shrinkage_radii             0.800 
_refine.pdbx_real_space_R                        ? 
_refine.pdbx_density_correlation                 ? 
_refine.pdbx_pd_number_of_powder_patterns        ? 
_refine.pdbx_pd_number_of_points                 ? 
_refine.pdbx_pd_meas_number_of_points            ? 
_refine.pdbx_pd_proc_ls_prof_R_factor            ? 
_refine.pdbx_pd_proc_ls_prof_wR_factor           ? 
_refine.pdbx_pd_Marquardt_correlation_coeff      ? 
_refine.pdbx_pd_Fsqrd_R_factor                   ? 
_refine.pdbx_pd_ls_matrix_band_width             ? 
_refine.pdbx_overall_phase_error                 ? 
_refine.pdbx_overall_SU_R_free_Cruickshank_DPI   ? 
_refine.pdbx_overall_SU_R_free_Blow_DPI          ? 
_refine.pdbx_overall_SU_R_Blow_DPI               ? 
_refine.pdbx_TLS_residual_ADP_flag               ? 
_refine.pdbx_diffrn_id                           1 
_refine.overall_SU_B                             0.898 
_refine.overall_SU_ML                            0.019 
_refine.overall_SU_R_Cruickshank_DPI             ? 
_refine.overall_SU_R_free                        ? 
_refine.overall_FOM_free_R_set                   ? 
_refine.overall_FOM_work_R_set                   ? 
_refine.pdbx_average_fsc_overall                 ? 
_refine.pdbx_average_fsc_work                    ? 
_refine.pdbx_average_fsc_free                    ? 
# 
_refine_hist.pdbx_refine_id                   'X-RAY DIFFRACTION' 
_refine_hist.cycle_id                         LAST 
_refine_hist.pdbx_number_atoms_protein        168 
_refine_hist.pdbx_number_atoms_nucleic_acid   0 
_refine_hist.pdbx_number_atoms_ligand         0 
_refine_hist.number_atoms_solvent             10 
_refine_hist.number_atoms_total               178 
_refine_hist.d_res_high                       1.050 
_refine_hist.d_res_low                        29.756 
# 
loop_
_refine_ls_restr.pdbx_refine_id 
_refine_ls_restr.criterion 
_refine_ls_restr.dev_ideal 
_refine_ls_restr.dev_ideal_target 
_refine_ls_restr.number 
_refine_ls_restr.rejects 
_refine_ls_restr.type 
_refine_ls_restr.weight 
_refine_ls_restr.pdbx_restraint_function 
'X-RAY DIFFRACTION' ? 0.014  0.012  199 ? r_bond_refined_d               ? ? 
'X-RAY DIFFRACTION' ? 0.001  0.016  206 ? r_bond_other_d                 ? ? 
'X-RAY DIFFRACTION' ? 1.553  1.622  266 ? r_angle_refined_deg            ? ? 
'X-RAY DIFFRACTION' ? 0.515  1.593  479 ? r_angle_other_deg              ? ? 
'X-RAY DIFFRACTION' ? 2.448  5.000  25  ? r_dihedral_angle_1_deg         ? ? 
'X-RAY DIFFRACTION' ? 17.358 10.000 42  ? r_dihedral_angle_3_deg         ? ? 
'X-RAY DIFFRACTION' ? 10.873 10.000 8   ? r_dihedral_angle_6_deg         ? ? 
'X-RAY DIFFRACTION' ? 0.082  0.200  27  ? r_chiral_restr                 ? ? 
'X-RAY DIFFRACTION' ? 0.010  0.020  226 ? r_gen_planes_refined           ? ? 
'X-RAY DIFFRACTION' ? 0.001  0.020  46  ? r_gen_planes_other             ? ? 
'X-RAY DIFFRACTION' ? 0.243  0.200  43  ? r_nbd_refined                  ? ? 
'X-RAY DIFFRACTION' ? 0.169  0.200  157 ? r_symmetry_nbd_other           ? ? 
'X-RAY DIFFRACTION' ? 0.210  0.200  95  ? r_nbtor_refined                ? ? 
'X-RAY DIFFRACTION' ? 0.065  0.200  112 ? r_symmetry_nbtor_other         ? ? 
'X-RAY DIFFRACTION' ? 0.022  0.200  3   ? r_xyhbond_nbd_refined          ? ? 
'X-RAY DIFFRACTION' ? 0.290  0.200  14  ? r_symmetry_nbd_refined         ? ? 
'X-RAY DIFFRACTION' ? 0.322  0.200  41  ? r_nbd_other                    ? ? 
'X-RAY DIFFRACTION' ? 0.287  0.200  4   ? r_symmetry_xyhbond_nbd_refined ? ? 
'X-RAY DIFFRACTION' ? 1.756  1.842  99  ? r_mcbond_it                    ? ? 
'X-RAY DIFFRACTION' ? 1.755  1.868  100 ? r_mcbond_other                 ? ? 
'X-RAY DIFFRACTION' ? 2.500  3.317  124 ? r_mcangle_it                   ? ? 
'X-RAY DIFFRACTION' ? 2.172  3.270  123 ? r_mcangle_other                ? ? 
'X-RAY DIFFRACTION' ? 2.329  2.563  100 ? r_scbond_it                    ? ? 
'X-RAY DIFFRACTION' ? 2.320  2.583  101 ? r_scbond_other                 ? ? 
'X-RAY DIFFRACTION' ? 3.189  4.372  139 ? r_scangle_it                   ? ? 
'X-RAY DIFFRACTION' ? 3.178  4.389  140 ? r_scangle_other                ? ? 
'X-RAY DIFFRACTION' ? 5.020  24.353 723 ? r_lrange_it                    ? ? 
'X-RAY DIFFRACTION' ? 5.002  24.351 722 ? r_lrange_other                 ? ? 
'X-RAY DIFFRACTION' ? 5.667  3.000  405 ? r_rigid_bond_restr             ? ? 
# 
loop_
_refine_ls_shell.pdbx_refine_id 
_refine_ls_shell.d_res_high 
_refine_ls_shell.d_res_low 
_refine_ls_shell.number_reflns_all 
_refine_ls_shell.number_reflns_obs 
_refine_ls_shell.number_reflns_R_free 
_refine_ls_shell.number_reflns_R_work 
_refine_ls_shell.percent_reflns_obs 
_refine_ls_shell.percent_reflns_R_free 
_refine_ls_shell.R_factor_all 
_refine_ls_shell.R_factor_obs 
_refine_ls_shell.R_factor_R_free_error 
_refine_ls_shell.R_factor_R_work 
_refine_ls_shell.redundancy_reflns_all 
_refine_ls_shell.redundancy_reflns_obs 
_refine_ls_shell.wR_factor_all 
_refine_ls_shell.wR_factor_obs 
_refine_ls_shell.wR_factor_R_free 
_refine_ls_shell.wR_factor_R_work 
_refine_ls_shell.pdbx_R_complete 
_refine_ls_shell.pdbx_total_number_of_bins_used 
_refine_ls_shell.pdbx_phase_error 
_refine_ls_shell.pdbx_fsc_work 
_refine_ls_shell.pdbx_fsc_free 
_refine_ls_shell.R_factor_R_free 
'X-RAY DIFFRACTION' 1.050 1.077  706 . 64 576 90.6516  . 0.323 . . 0.325 . . . . . 0.308 . 20 . 0.908 0.907 0.303 
'X-RAY DIFFRACTION' 1.077 1.107  673 . 64 578 95.3938  . 0.280 . . 0.282 . . . . . 0.247 . 20 . 0.936 0.949 0.263 
'X-RAY DIFFRACTION' 1.107 1.139  647 . 64 577 99.0726  . 0.213 . . 0.212 . . . . . 0.173 . 20 . 0.967 0.963 0.221 
'X-RAY DIFFRACTION' 1.139 1.174  633 . 63 570 100.0000 . 0.174 . . 0.169 . . . . . 0.129 . 20 . 0.976 0.962 0.227 
'X-RAY DIFFRACTION' 1.174 1.212  625 . 63 562 100.0000 . 0.167 . . 0.165 . . . . . 0.120 . 20 . 0.977 0.977 0.187 
'X-RAY DIFFRACTION' 1.212 1.255  600 . 60 537 99.5000  . 0.148 . . 0.145 . . . . . 0.108 . 20 . 0.983 0.977 0.173 
'X-RAY DIFFRACTION' 1.255 1.302  584 . 58 526 100.0000 . 0.121 . . 0.121 . . . . . 0.085 . 20 . 0.990 0.990 0.128 
'X-RAY DIFFRACTION' 1.302 1.355  549 . 55 493 99.8178  . 0.113 . . 0.110 . . . . . 0.083 . 20 . 0.992 0.988 0.137 
'X-RAY DIFFRACTION' 1.355 1.415  550 . 55 494 99.8182  . 0.125 . . 0.124 . . . . . 0.095 . 20 . 0.989 0.989 0.141 
'X-RAY DIFFRACTION' 1.415 1.484  526 . 52 468 98.8593  . 0.118 . . 0.114 . . . . . 0.097 . 20 . 0.992 0.987 0.147 
'X-RAY DIFFRACTION' 1.484 1.564  498 . 49 446 99.3976  . 0.113 . . 0.110 . . . . . 0.095 . 20 . 0.992 0.987 0.142 
'X-RAY DIFFRACTION' 1.564 1.659  464 . 46 414 99.1379  . 0.111 . . 0.108 . . . . . 0.095 . 20 . 0.992 0.988 0.133 
'X-RAY DIFFRACTION' 1.659 1.773  453 . 45 401 98.4547  . 0.116 . . 0.110 . . . . . 0.098 . 20 . 0.992 0.980 0.180 
'X-RAY DIFFRACTION' 1.773 1.914  424 . 42 374 98.1132  . 0.132 . . 0.131 . . . . . 0.122 . 20 . 0.989 0.988 0.142 
'X-RAY DIFFRACTION' 1.914 2.096  383 . 37 338 97.9112  . 0.146 . . 0.141 . . . . . 0.131 . 20 . 0.987 0.978 0.195 
'X-RAY DIFFRACTION' 2.096 2.342  367 . 35 321 97.0027  . 0.131 . . 0.131 . . . . . 0.132 . 20 . 0.989 0.989 0.130 
'X-RAY DIFFRACTION' 2.342 2.702  317 . 31 274 96.2145  . 0.141 . . 0.145 . . . . . 0.163 . 20 . 0.989 0.995 0.108 
'X-RAY DIFFRACTION' 2.702 3.302  283 . 28 241 95.0530  . 0.178 . . 0.180 . . . . . 0.193 . 20 . 0.979 0.983 0.157 
'X-RAY DIFFRACTION' 3.302 4.641  231 . 20 194 92.6407  . 0.205 . . 0.201 . . . . . 0.248 . 20 . 0.970 0.963 0.256 
'X-RAY DIFFRACTION' 4.641 29.756 154 . 15 125 90.9091  . 0.291 . . 0.295 . . . . . 0.353 . 20 . 0.940 0.926 0.253 
# 
_struct.entry_id                     9HVN 
_struct.title                        'Atomic resolution crystal structure of the hexameric antimicrobial peptide Magainin-2' 
_struct.pdbx_model_details           ? 
_struct.pdbx_formula_weight          ? 
_struct.pdbx_formula_weight_method   ? 
_struct.pdbx_model_type_details      ? 
_struct.pdbx_CASP_flag               N 
# 
_struct_keywords.entry_id        9HVN 
_struct_keywords.text            'Antimicrobial peptide, peptide channel, atomic resolution, ANTIBIOTIC' 
_struct_keywords.pdbx_keywords   ANTIBIOTIC 
# 
loop_
_struct_asym.id 
_struct_asym.pdbx_blank_PDB_chainid_flag 
_struct_asym.pdbx_modified 
_struct_asym.entity_id 
_struct_asym.details 
A N N 1 ? 
B N N 2 ? 
# 
_struct_ref.id                         1 
_struct_ref.db_name                    UNP 
_struct_ref.db_code                    MAGA_XENLA 
_struct_ref.pdbx_db_accession          P11006 
_struct_ref.pdbx_db_isoform            ? 
_struct_ref.entity_id                  1 
_struct_ref.pdbx_seq_one_letter_code   GIGKFLHSAKKFGKAFVGEIMNS 
_struct_ref.pdbx_align_begin           83 
# 
_struct_ref_seq.align_id                      1 
_struct_ref_seq.ref_id                        1 
_struct_ref_seq.pdbx_PDB_id_code              9HVN 
_struct_ref_seq.pdbx_strand_id                A 
_struct_ref_seq.seq_align_beg                 1 
_struct_ref_seq.pdbx_seq_align_beg_ins_code   ? 
_struct_ref_seq.seq_align_end                 23 
_struct_ref_seq.pdbx_seq_align_end_ins_code   ? 
_struct_ref_seq.pdbx_db_accession             P11006 
_struct_ref_seq.db_align_beg                  83 
_struct_ref_seq.pdbx_db_align_beg_ins_code    ? 
_struct_ref_seq.db_align_end                  105 
_struct_ref_seq.pdbx_db_align_end_ins_code    ? 
_struct_ref_seq.pdbx_auth_seq_align_beg       1 
_struct_ref_seq.pdbx_auth_seq_align_end       23 
# 
loop_
_pdbx_struct_assembly.id 
_pdbx_struct_assembly.details 
_pdbx_struct_assembly.method_details 
_pdbx_struct_assembly.oligomeric_details 
_pdbx_struct_assembly.oligomeric_count 
1 author_defined_assembly              ?    hexameric 6 
2 author_and_software_defined_assembly PISA dimeric   2 
# 
loop_
_pdbx_struct_assembly_prop.biol_id 
_pdbx_struct_assembly_prop.type 
_pdbx_struct_assembly_prop.value 
_pdbx_struct_assembly_prop.details 
2 'ABSA (A^2)' 1000 ? 
2 MORE         -8   ? 
2 'SSA (A^2)'  3550 ? 
# 
loop_
_pdbx_struct_assembly_gen.assembly_id 
_pdbx_struct_assembly_gen.oper_expression 
_pdbx_struct_assembly_gen.asym_id_list 
1 1   A,B 
1 2   A,B 
1 3   A,B 
1 4   A,B 
1 5   A,B 
1 6   A,B 
2 1,6 A,B 
# 
_pdbx_struct_assembly_auth_evidence.id                     1 
_pdbx_struct_assembly_auth_evidence.assembly_id            1 
_pdbx_struct_assembly_auth_evidence.experimental_support   cross-linking 
_pdbx_struct_assembly_auth_evidence.details                ? 
# 
loop_
_pdbx_struct_oper_list.id 
_pdbx_struct_oper_list.type 
_pdbx_struct_oper_list.name 
_pdbx_struct_oper_list.symmetry_operation 
_pdbx_struct_oper_list.matrix[1][1] 
_pdbx_struct_oper_list.matrix[1][2] 
_pdbx_struct_oper_list.matrix[1][3] 
_pdbx_struct_oper_list.vector[1] 
_pdbx_struct_oper_list.matrix[2][1] 
_pdbx_struct_oper_list.matrix[2][2] 
_pdbx_struct_oper_list.matrix[2][3] 
_pdbx_struct_oper_list.vector[2] 
_pdbx_struct_oper_list.matrix[3][1] 
_pdbx_struct_oper_list.matrix[3][2] 
_pdbx_struct_oper_list.matrix[3][3] 
_pdbx_struct_oper_list.vector[3] 
1 'identity operation'         1_555  x,y,z            1.0000000000  0.0000000000  0.0000000000  0.0000000000   0.0000000000  1.0000000000  0.0000000000  0.0000000000  0.0000000000  0.0000000000  1.0000000000  0.0000000000  
2 'crystal symmetry operation' 2_655  -y+1,x-y,z       -0.3085483539 -0.8623479410 -0.4014398360 3.1759598510   0.0255525589  0.4143647051  -0.9097521409 12.7555501097 0.9508653848  -0.2909603406 -0.1058163512 17.2137971491 
3 'crystal symmetry operation' 3_665  -x+y+1,-x+1,z    -0.3085483539 0.0255525589  0.9508653848  -15.7140036109 -0.8623479410 0.4143647051  -0.2909603406 2.4618649607  -0.4014398360 -0.9097521409 -0.1058163512 14.7008470264 
4 'crystal symmetry operation' 10_665 -y+1,-x+1,-z+1/2 -0.1947320462 0.7685889009  0.6093853720  -11.7422366242 0.7685889009  -0.2664194623 0.5816285512  -4.4896060985 0.6093853720  0.5816285512  -0.5388484915 21.1792223262 
5 'crystal symmetry operation' 11_655 -x+y+1,y,-z+1/2  0.6591671217  0.3090959169  -0.6855351339 7.9329126339   0.3090959169  -0.9424167194 -0.1277123371 4.5651104873  -0.6855351339 -0.1277123371 -0.7167504023 21.2579693042 
6 'crystal symmetry operation' 12_555 x,x-y,-z+1/2     -0.8473383677 -0.2408894357 -0.4732757869 2.1684266708   -0.2408894357 -0.6198932284 0.7467962675  -8.6726712442 -0.4732757869 0.7467962675  0.4672315961  5.1137000958 
# 
_struct_conf.conf_type_id            HELX_P 
_struct_conf.id                      HELX_P1 
_struct_conf.pdbx_PDB_helix_id       AA1 
_struct_conf.beg_label_comp_id       GLY 
_struct_conf.beg_label_asym_id       A 
_struct_conf.beg_label_seq_id        1 
_struct_conf.pdbx_beg_PDB_ins_code   ? 
_struct_conf.end_label_comp_id       ASN 
_struct_conf.end_label_asym_id       A 
_struct_conf.end_label_seq_id        22 
_struct_conf.pdbx_end_PDB_ins_code   ? 
_struct_conf.beg_auth_comp_id        GLY 
_struct_conf.beg_auth_asym_id        A 
_struct_conf.beg_auth_seq_id         1 
_struct_conf.end_auth_comp_id        ASN 
_struct_conf.end_auth_asym_id        A 
_struct_conf.end_auth_seq_id         22 
_struct_conf.pdbx_PDB_helix_class    1 
_struct_conf.details                 ? 
_struct_conf.pdbx_PDB_helix_length   22 
# 
_struct_conf_type.id          HELX_P 
_struct_conf_type.criteria    ? 
_struct_conf_type.reference   ? 
# 
_struct_conn.id                            disulf1 
_struct_conn.conn_type_id                  disulf 
_struct_conn.pdbx_leaving_atom_flag        ? 
_struct_conn.pdbx_PDB_id                   ? 
_struct_conn.ptnr1_label_asym_id           A 
_struct_conn.ptnr1_label_comp_id           MET 
_struct_conn.ptnr1_label_seq_id            21 
_struct_conn.ptnr1_label_atom_id           SD 
_struct_conn.pdbx_ptnr1_label_alt_id       B 
_struct_conn.pdbx_ptnr1_PDB_ins_code       ? 
_struct_conn.pdbx_ptnr1_standard_comp_id   ? 
_struct_conn.ptnr1_symmetry                1_555 
_struct_conn.ptnr2_label_asym_id           A 
_struct_conn.ptnr2_label_comp_id           MET 
_struct_conn.ptnr2_label_seq_id            21 
_struct_conn.ptnr2_label_atom_id           SD 
_struct_conn.pdbx_ptnr2_label_alt_id       B 
_struct_conn.pdbx_ptnr2_PDB_ins_code       ? 
_struct_conn.ptnr1_auth_asym_id            A 
_struct_conn.ptnr1_auth_comp_id            MET 
_struct_conn.ptnr1_auth_seq_id             21 
_struct_conn.ptnr2_auth_asym_id            A 
_struct_conn.ptnr2_auth_comp_id            MET 
_struct_conn.ptnr2_auth_seq_id             21 
_struct_conn.ptnr2_symmetry                9_555 
_struct_conn.pdbx_ptnr3_label_atom_id      ? 
_struct_conn.pdbx_ptnr3_label_seq_id       ? 
_struct_conn.pdbx_ptnr3_label_comp_id      ? 
_struct_conn.pdbx_ptnr3_label_asym_id      ? 
_struct_conn.pdbx_ptnr3_label_alt_id       ? 
_struct_conn.pdbx_ptnr3_PDB_ins_code       ? 
_struct_conn.details                       ? 
_struct_conn.pdbx_dist_value               1.875 
_struct_conn.pdbx_value_order              ? 
_struct_conn.pdbx_role                     ? 
# 
_struct_conn_type.id          disulf 
_struct_conn_type.criteria    ? 
_struct_conn_type.reference   ? 
# 
_pdbx_modification_feature.ordinal                            1 
_pdbx_modification_feature.label_comp_id                      MET 
_pdbx_modification_feature.label_asym_id                      A 
_pdbx_modification_feature.label_seq_id                       21 
_pdbx_modification_feature.label_alt_id                       B 
_pdbx_modification_feature.modified_residue_label_comp_id     MET 
_pdbx_modification_feature.modified_residue_label_asym_id     A 
_pdbx_modification_feature.modified_residue_label_seq_id      21 
_pdbx_modification_feature.modified_residue_label_alt_id      B 
_pdbx_modification_feature.auth_comp_id                       MET 
_pdbx_modification_feature.auth_asym_id                       A 
_pdbx_modification_feature.auth_seq_id                        21 
_pdbx_modification_feature.PDB_ins_code                       ? 
_pdbx_modification_feature.symmetry                           1_555 
_pdbx_modification_feature.modified_residue_auth_comp_id      MET 
_pdbx_modification_feature.modified_residue_auth_asym_id      A 
_pdbx_modification_feature.modified_residue_auth_seq_id       21 
_pdbx_modification_feature.modified_residue_PDB_ins_code      ? 
_pdbx_modification_feature.modified_residue_symmetry          9_555 
_pdbx_modification_feature.comp_id_linking_atom               SD 
_pdbx_modification_feature.modified_residue_id_linking_atom   SD 
_pdbx_modification_feature.modified_residue_id                . 
_pdbx_modification_feature.ref_pcm_id                         . 
_pdbx_modification_feature.ref_comp_id                        . 
_pdbx_modification_feature.type                               None 
_pdbx_modification_feature.category                           'Disulfide bridge' 
# 
_pdbx_entry_details.entry_id                   9HVN 
_pdbx_entry_details.compound_details           ? 
_pdbx_entry_details.source_details             ? 
_pdbx_entry_details.nonpolymer_details         ? 
_pdbx_entry_details.sequence_details           ? 
_pdbx_entry_details.has_ligand_of_interest     ? 
_pdbx_entry_details.has_protein_modification   Y 
# 
loop_
_pdbx_struct_special_symmetry.id 
_pdbx_struct_special_symmetry.PDB_model_num 
_pdbx_struct_special_symmetry.auth_asym_id 
_pdbx_struct_special_symmetry.auth_comp_id 
_pdbx_struct_special_symmetry.auth_seq_id 
_pdbx_struct_special_symmetry.PDB_ins_code 
_pdbx_struct_special_symmetry.label_asym_id 
_pdbx_struct_special_symmetry.label_comp_id 
_pdbx_struct_special_symmetry.label_seq_id 
1 1 A HOH 103 ? B HOH . 
2 1 A HOH 108 ? B HOH . 
# 
loop_
_pdbx_distant_solvent_atoms.id 
_pdbx_distant_solvent_atoms.PDB_model_num 
_pdbx_distant_solvent_atoms.auth_atom_id 
_pdbx_distant_solvent_atoms.label_alt_id 
_pdbx_distant_solvent_atoms.auth_asym_id 
_pdbx_distant_solvent_atoms.auth_comp_id 
_pdbx_distant_solvent_atoms.auth_seq_id 
_pdbx_distant_solvent_atoms.PDB_ins_code 
_pdbx_distant_solvent_atoms.neighbor_macromolecule_distance 
_pdbx_distant_solvent_atoms.neighbor_ligand_distance 
1 1 O ? A HOH 109 ? 8.34 . 
2 1 O ? A HOH 110 ? 8.97 . 
# 
loop_
_chem_comp_atom.comp_id 
_chem_comp_atom.atom_id 
_chem_comp_atom.type_symbol 
_chem_comp_atom.pdbx_aromatic_flag 
_chem_comp_atom.pdbx_stereo_config 
_chem_comp_atom.pdbx_ordinal 
ALA N    N N N 1   
ALA CA   C N S 2   
ALA C    C N N 3   
ALA O    O N N 4   
ALA CB   C N N 5   
ALA OXT  O N N 6   
ALA H    H N N 7   
ALA H2   H N N 8   
ALA HA   H N N 9   
ALA HB1  H N N 10  
ALA HB2  H N N 11  
ALA HB3  H N N 12  
ALA HXT  H N N 13  
ASN N    N N N 14  
ASN CA   C N S 15  
ASN C    C N N 16  
ASN O    O N N 17  
ASN CB   C N N 18  
ASN CG   C N N 19  
ASN OD1  O N N 20  
ASN ND2  N N N 21  
ASN OXT  O N N 22  
ASN H    H N N 23  
ASN H2   H N N 24  
ASN HA   H N N 25  
ASN HB2  H N N 26  
ASN HB3  H N N 27  
ASN HD21 H N N 28  
ASN HD22 H N N 29  
ASN HXT  H N N 30  
GLU N    N N N 31  
GLU CA   C N S 32  
GLU C    C N N 33  
GLU O    O N N 34  
GLU CB   C N N 35  
GLU CG   C N N 36  
GLU CD   C N N 37  
GLU OE1  O N N 38  
GLU OE2  O N N 39  
GLU OXT  O N N 40  
GLU H    H N N 41  
GLU H2   H N N 42  
GLU HA   H N N 43  
GLU HB2  H N N 44  
GLU HB3  H N N 45  
GLU HG2  H N N 46  
GLU HG3  H N N 47  
GLU HE2  H N N 48  
GLU HXT  H N N 49  
GLY N    N N N 50  
GLY CA   C N N 51  
GLY C    C N N 52  
GLY O    O N N 53  
GLY OXT  O N N 54  
GLY H    H N N 55  
GLY H2   H N N 56  
GLY HA2  H N N 57  
GLY HA3  H N N 58  
GLY HXT  H N N 59  
HIS N    N N N 60  
HIS CA   C N S 61  
HIS C    C N N 62  
HIS O    O N N 63  
HIS CB   C N N 64  
HIS CG   C Y N 65  
HIS ND1  N Y N 66  
HIS CD2  C Y N 67  
HIS CE1  C Y N 68  
HIS NE2  N Y N 69  
HIS OXT  O N N 70  
HIS H    H N N 71  
HIS H2   H N N 72  
HIS HA   H N N 73  
HIS HB2  H N N 74  
HIS HB3  H N N 75  
HIS HD1  H N N 76  
HIS HD2  H N N 77  
HIS HE1  H N N 78  
HIS HE2  H N N 79  
HIS HXT  H N N 80  
HOH O    O N N 81  
HOH H1   H N N 82  
HOH H2   H N N 83  
ILE N    N N N 84  
ILE CA   C N S 85  
ILE C    C N N 86  
ILE O    O N N 87  
ILE CB   C N S 88  
ILE CG1  C N N 89  
ILE CG2  C N N 90  
ILE CD1  C N N 91  
ILE OXT  O N N 92  
ILE H    H N N 93  
ILE H2   H N N 94  
ILE HA   H N N 95  
ILE HB   H N N 96  
ILE HG12 H N N 97  
ILE HG13 H N N 98  
ILE HG21 H N N 99  
ILE HG22 H N N 100 
ILE HG23 H N N 101 
ILE HD11 H N N 102 
ILE HD12 H N N 103 
ILE HD13 H N N 104 
ILE HXT  H N N 105 
LEU N    N N N 106 
LEU CA   C N S 107 
LEU C    C N N 108 
LEU O    O N N 109 
LEU CB   C N N 110 
LEU CG   C N N 111 
LEU CD1  C N N 112 
LEU CD2  C N N 113 
LEU OXT  O N N 114 
LEU H    H N N 115 
LEU H2   H N N 116 
LEU HA   H N N 117 
LEU HB2  H N N 118 
LEU HB3  H N N 119 
LEU HG   H N N 120 
LEU HD11 H N N 121 
LEU HD12 H N N 122 
LEU HD13 H N N 123 
LEU HD21 H N N 124 
LEU HD22 H N N 125 
LEU HD23 H N N 126 
LEU HXT  H N N 127 
LYS N    N N N 128 
LYS CA   C N S 129 
LYS C    C N N 130 
LYS O    O N N 131 
LYS CB   C N N 132 
LYS CG   C N N 133 
LYS CD   C N N 134 
LYS CE   C N N 135 
LYS NZ   N N N 136 
LYS OXT  O N N 137 
LYS H    H N N 138 
LYS H2   H N N 139 
LYS HA   H N N 140 
LYS HB2  H N N 141 
LYS HB3  H N N 142 
LYS HG2  H N N 143 
LYS HG3  H N N 144 
LYS HD2  H N N 145 
LYS HD3  H N N 146 
LYS HE2  H N N 147 
LYS HE3  H N N 148 
LYS HZ1  H N N 149 
LYS HZ2  H N N 150 
LYS HZ3  H N N 151 
LYS HXT  H N N 152 
MET N    N N N 153 
MET CA   C N S 154 
MET C    C N N 155 
MET O    O N N 156 
MET CB   C N N 157 
MET CG   C N N 158 
MET SD   S N N 159 
MET CE   C N N 160 
MET OXT  O N N 161 
MET H    H N N 162 
MET H2   H N N 163 
MET HA   H N N 164 
MET HB2  H N N 165 
MET HB3  H N N 166 
MET HG2  H N N 167 
MET HG3  H N N 168 
MET HE1  H N N 169 
MET HE2  H N N 170 
MET HE3  H N N 171 
MET HXT  H N N 172 
PHE N    N N N 173 
PHE CA   C N S 174 
PHE C    C N N 175 
PHE O    O N N 176 
PHE CB   C N N 177 
PHE CG   C Y N 178 
PHE CD1  C Y N 179 
PHE CD2  C Y N 180 
PHE CE1  C Y N 181 
PHE CE2  C Y N 182 
PHE CZ   C Y N 183 
PHE OXT  O N N 184 
PHE H    H N N 185 
PHE H2   H N N 186 
PHE HA   H N N 187 
PHE HB2  H N N 188 
PHE HB3  H N N 189 
PHE HD1  H N N 190 
PHE HD2  H N N 191 
PHE HE1  H N N 192 
PHE HE2  H N N 193 
PHE HZ   H N N 194 
PHE HXT  H N N 195 
SER N    N N N 196 
SER CA   C N S 197 
SER C    C N N 198 
SER O    O N N 199 
SER CB   C N N 200 
SER OG   O N N 201 
SER OXT  O N N 202 
SER H    H N N 203 
SER H2   H N N 204 
SER HA   H N N 205 
SER HB2  H N N 206 
SER HB3  H N N 207 
SER HG   H N N 208 
SER HXT  H N N 209 
VAL N    N N N 210 
VAL CA   C N S 211 
VAL C    C N N 212 
VAL O    O N N 213 
VAL CB   C N N 214 
VAL CG1  C N N 215 
VAL CG2  C N N 216 
VAL OXT  O N N 217 
VAL H    H N N 218 
VAL H2   H N N 219 
VAL HA   H N N 220 
VAL HB   H N N 221 
VAL HG11 H N N 222 
VAL HG12 H N N 223 
VAL HG13 H N N 224 
VAL HG21 H N N 225 
VAL HG22 H N N 226 
VAL HG23 H N N 227 
VAL HXT  H N N 228 
# 
loop_
_chem_comp_bond.comp_id 
_chem_comp_bond.atom_id_1 
_chem_comp_bond.atom_id_2 
_chem_comp_bond.value_order 
_chem_comp_bond.pdbx_aromatic_flag 
_chem_comp_bond.pdbx_stereo_config 
_chem_comp_bond.pdbx_ordinal 
ALA N   CA   sing N N 1   
ALA N   H    sing N N 2   
ALA N   H2   sing N N 3   
ALA CA  C    sing N N 4   
ALA CA  CB   sing N N 5   
ALA CA  HA   sing N N 6   
ALA C   O    doub N N 7   
ALA C   OXT  sing N N 8   
ALA CB  HB1  sing N N 9   
ALA CB  HB2  sing N N 10  
ALA CB  HB3  sing N N 11  
ALA OXT HXT  sing N N 12  
ASN N   CA   sing N N 13  
ASN N   H    sing N N 14  
ASN N   H2   sing N N 15  
ASN CA  C    sing N N 16  
ASN CA  CB   sing N N 17  
ASN CA  HA   sing N N 18  
ASN C   O    doub N N 19  
ASN C   OXT  sing N N 20  
ASN CB  CG   sing N N 21  
ASN CB  HB2  sing N N 22  
ASN CB  HB3  sing N N 23  
ASN CG  OD1  doub N N 24  
ASN CG  ND2  sing N N 25  
ASN ND2 HD21 sing N N 26  
ASN ND2 HD22 sing N N 27  
ASN OXT HXT  sing N N 28  
GLU N   CA   sing N N 29  
GLU N   H    sing N N 30  
GLU N   H2   sing N N 31  
GLU CA  C    sing N N 32  
GLU CA  CB   sing N N 33  
GLU CA  HA   sing N N 34  
GLU C   O    doub N N 35  
GLU C   OXT  sing N N 36  
GLU CB  CG   sing N N 37  
GLU CB  HB2  sing N N 38  
GLU CB  HB3  sing N N 39  
GLU CG  CD   sing N N 40  
GLU CG  HG2  sing N N 41  
GLU CG  HG3  sing N N 42  
GLU CD  OE1  doub N N 43  
GLU CD  OE2  sing N N 44  
GLU OE2 HE2  sing N N 45  
GLU OXT HXT  sing N N 46  
GLY N   CA   sing N N 47  
GLY N   H    sing N N 48  
GLY N   H2   sing N N 49  
GLY CA  C    sing N N 50  
GLY CA  HA2  sing N N 51  
GLY CA  HA3  sing N N 52  
GLY C   O    doub N N 53  
GLY C   OXT  sing N N 54  
GLY OXT HXT  sing N N 55  
HIS N   CA   sing N N 56  
HIS N   H    sing N N 57  
HIS N   H2   sing N N 58  
HIS CA  C    sing N N 59  
HIS CA  CB   sing N N 60  
HIS CA  HA   sing N N 61  
HIS C   O    doub N N 62  
HIS C   OXT  sing N N 63  
HIS CB  CG   sing N N 64  
HIS CB  HB2  sing N N 65  
HIS CB  HB3  sing N N 66  
HIS CG  ND1  sing Y N 67  
HIS CG  CD2  doub Y N 68  
HIS ND1 CE1  doub Y N 69  
HIS ND1 HD1  sing N N 70  
HIS CD2 NE2  sing Y N 71  
HIS CD2 HD2  sing N N 72  
HIS CE1 NE2  sing Y N 73  
HIS CE1 HE1  sing N N 74  
HIS NE2 HE2  sing N N 75  
HIS OXT HXT  sing N N 76  
HOH O   H1   sing N N 77  
HOH O   H2   sing N N 78  
ILE N   CA   sing N N 79  
ILE N   H    sing N N 80  
ILE N   H2   sing N N 81  
ILE CA  C    sing N N 82  
ILE CA  CB   sing N N 83  
ILE CA  HA   sing N N 84  
ILE C   O    doub N N 85  
ILE C   OXT  sing N N 86  
ILE CB  CG1  sing N N 87  
ILE CB  CG2  sing N N 88  
ILE CB  HB   sing N N 89  
ILE CG1 CD1  sing N N 90  
ILE CG1 HG12 sing N N 91  
ILE CG1 HG13 sing N N 92  
ILE CG2 HG21 sing N N 93  
ILE CG2 HG22 sing N N 94  
ILE CG2 HG23 sing N N 95  
ILE CD1 HD11 sing N N 96  
ILE CD1 HD12 sing N N 97  
ILE CD1 HD13 sing N N 98  
ILE OXT HXT  sing N N 99  
LEU N   CA   sing N N 100 
LEU N   H    sing N N 101 
LEU N   H2   sing N N 102 
LEU CA  C    sing N N 103 
LEU CA  CB   sing N N 104 
LEU CA  HA   sing N N 105 
LEU C   O    doub N N 106 
LEU C   OXT  sing N N 107 
LEU CB  CG   sing N N 108 
LEU CB  HB2  sing N N 109 
LEU CB  HB3  sing N N 110 
LEU CG  CD1  sing N N 111 
LEU CG  CD2  sing N N 112 
LEU CG  HG   sing N N 113 
LEU CD1 HD11 sing N N 114 
LEU CD1 HD12 sing N N 115 
LEU CD1 HD13 sing N N 116 
LEU CD2 HD21 sing N N 117 
LEU CD2 HD22 sing N N 118 
LEU CD2 HD23 sing N N 119 
LEU OXT HXT  sing N N 120 
LYS N   CA   sing N N 121 
LYS N   H    sing N N 122 
LYS N   H2   sing N N 123 
LYS CA  C    sing N N 124 
LYS CA  CB   sing N N 125 
LYS CA  HA   sing N N 126 
LYS C   O    doub N N 127 
LYS C   OXT  sing N N 128 
LYS CB  CG   sing N N 129 
LYS CB  HB2  sing N N 130 
LYS CB  HB3  sing N N 131 
LYS CG  CD   sing N N 132 
LYS CG  HG2  sing N N 133 
LYS CG  HG3  sing N N 134 
LYS CD  CE   sing N N 135 
LYS CD  HD2  sing N N 136 
LYS CD  HD3  sing N N 137 
LYS CE  NZ   sing N N 138 
LYS CE  HE2  sing N N 139 
LYS CE  HE3  sing N N 140 
LYS NZ  HZ1  sing N N 141 
LYS NZ  HZ2  sing N N 142 
LYS NZ  HZ3  sing N N 143 
LYS OXT HXT  sing N N 144 
MET N   CA   sing N N 145 
MET N   H    sing N N 146 
MET N   H2   sing N N 147 
MET CA  C    sing N N 148 
MET CA  CB   sing N N 149 
MET CA  HA   sing N N 150 
MET C   O    doub N N 151 
MET C   OXT  sing N N 152 
MET CB  CG   sing N N 153 
MET CB  HB2  sing N N 154 
MET CB  HB3  sing N N 155 
MET CG  SD   sing N N 156 
MET CG  HG2  sing N N 157 
MET CG  HG3  sing N N 158 
MET SD  CE   sing N N 159 
MET CE  HE1  sing N N 160 
MET CE  HE2  sing N N 161 
MET CE  HE3  sing N N 162 
MET OXT HXT  sing N N 163 
PHE N   CA   sing N N 164 
PHE N   H    sing N N 165 
PHE N   H2   sing N N 166 
PHE CA  C    sing N N 167 
PHE CA  CB   sing N N 168 
PHE CA  HA   sing N N 169 
PHE C   O    doub N N 170 
PHE C   OXT  sing N N 171 
PHE CB  CG   sing N N 172 
PHE CB  HB2  sing N N 173 
PHE CB  HB3  sing N N 174 
PHE CG  CD1  doub Y N 175 
PHE CG  CD2  sing Y N 176 
PHE CD1 CE1  sing Y N 177 
PHE CD1 HD1  sing N N 178 
PHE CD2 CE2  doub Y N 179 
PHE CD2 HD2  sing N N 180 
PHE CE1 CZ   doub Y N 181 
PHE CE1 HE1  sing N N 182 
PHE CE2 CZ   sing Y N 183 
PHE CE2 HE2  sing N N 184 
PHE CZ  HZ   sing N N 185 
PHE OXT HXT  sing N N 186 
SER N   CA   sing N N 187 
SER N   H    sing N N 188 
SER N   H2   sing N N 189 
SER CA  C    sing N N 190 
SER CA  CB   sing N N 191 
SER CA  HA   sing N N 192 
SER C   O    doub N N 193 
SER C   OXT  sing N N 194 
SER CB  OG   sing N N 195 
SER CB  HB2  sing N N 196 
SER CB  HB3  sing N N 197 
SER OG  HG   sing N N 198 
SER OXT HXT  sing N N 199 
VAL N   CA   sing N N 200 
VAL N   H    sing N N 201 
VAL N   H2   sing N N 202 
VAL CA  C    sing N N 203 
VAL CA  CB   sing N N 204 
VAL CA  HA   sing N N 205 
VAL C   O    doub N N 206 
VAL C   OXT  sing N N 207 
VAL CB  CG1  sing N N 208 
VAL CB  CG2  sing N N 209 
VAL CB  HB   sing N N 210 
VAL CG1 HG11 sing N N 211 
VAL CG1 HG12 sing N N 212 
VAL CG1 HG13 sing N N 213 
VAL CG2 HG21 sing N N 214 
VAL CG2 HG22 sing N N 215 
VAL CG2 HG23 sing N N 216 
VAL OXT HXT  sing N N 217 
# 
_pdbx_audit_support.funding_organization   'Not funded' 
_pdbx_audit_support.country                ? 
_pdbx_audit_support.grant_number           ? 
_pdbx_audit_support.ordinal                1 
# 
_pdbx_initial_refinement_model.id               1 
_pdbx_initial_refinement_model.entity_id_list   ? 
_pdbx_initial_refinement_model.type             'experimental model' 
_pdbx_initial_refinement_model.source_name      PDB 
_pdbx_initial_refinement_model.accession_code   2MAG 
_pdbx_initial_refinement_model.details          ? 
# 
_atom_sites.entry_id                    9HVN 
_atom_sites.Cartn_transf_matrix[1][1]   ? 
_atom_sites.Cartn_transf_matrix[1][2]   ? 
_atom_sites.Cartn_transf_matrix[1][3]   ? 
_atom_sites.Cartn_transf_matrix[2][1]   ? 
_atom_sites.Cartn_transf_matrix[2][2]   ? 
_atom_sites.Cartn_transf_matrix[2][3]   ? 
_atom_sites.Cartn_transf_matrix[3][1]   ? 
_atom_sites.Cartn_transf_matrix[3][2]   ? 
_atom_sites.Cartn_transf_matrix[3][3]   ? 
_atom_sites.Cartn_transf_vector[1]      ? 
_atom_sites.Cartn_transf_vector[2]      ? 
_atom_sites.Cartn_transf_vector[3]      ? 
_atom_sites.Cartn_transform_axes        ? 
_atom_sites.fract_transf_matrix[1][1]   -0.00928460 
_atom_sites.fract_transf_matrix[1][2]   0.01465078 
_atom_sites.fract_transf_matrix[1][3]   0.02878427 
_atom_sites.fract_transf_matrix[2][1]   -0.03060975 
_atom_sites.fract_transf_matrix[2][2]   -0.00570247 
_atom_sites.fract_transf_matrix[2][3]   0.01264735 
_atom_sites.fract_transf_matrix[3][1]   0.00640316 
_atom_sites.fract_transf_matrix[3][2]   -0.01399345 
_atom_sites.fract_transf_matrix[3][3]   0.00918786 
_atom_sites.fract_transf_vector[1]      0.247322 
_atom_sites.fract_transf_vector[2]      0.099786 
_atom_sites.fract_transf_vector[3]      0.158889 
_atom_sites.solution_primary            ? 
_atom_sites.solution_secondary          ? 
_atom_sites.solution_hydrogens          ? 
_atom_sites.special_details             ? 
# 
loop_
_atom_type.symbol 
_atom_type.pdbx_scat_Z 
_atom_type.pdbx_N_electrons 
_atom_type.scat_Cromer_Mann_a1 
_atom_type.scat_Cromer_Mann_b1 
_atom_type.scat_Cromer_Mann_a2 
_atom_type.scat_Cromer_Mann_b2 
_atom_type.scat_Cromer_Mann_a3 
_atom_type.scat_Cromer_Mann_b3 
_atom_type.scat_Cromer_Mann_a4 
_atom_type.scat_Cromer_Mann_b4 
_atom_type.scat_Cromer_Mann_c 
C 6  6  2.3103  20.8439 1.0201 10.2075 1.5888 0.5687  0.8651 51.6512 0.2156   
H 1  1  0.4930  10.5109 0.3229 26.1257 0.1402 3.1424  0.0408 57.7997 0.0030   
N 7  7  12.2220 0.0057  3.1346 9.8933  2.0141 28.9975 1.1672 0.5826  -11.5379 
O 8  8  3.0487  13.2771 2.2870 5.7011  1.5464 0.3239  0.8671 32.9089 0.2508   
S 16 16 6.9054  1.4679  5.2035 22.2151 1.4379 0.2536  1.5863 56.1720 0.8669   
# 
loop_
_atom_site.group_PDB 
_atom_site.id 
_atom_site.type_symbol 
_atom_site.label_atom_id 
_atom_site.label_alt_id 
_atom_site.label_comp_id 
_atom_site.label_asym_id 
_atom_site.label_entity_id 
_atom_site.label_seq_id 
_atom_site.pdbx_PDB_ins_code 
_atom_site.Cartn_x 
_atom_site.Cartn_y 
_atom_site.Cartn_z 
_atom_site.occupancy 
_atom_site.B_iso_or_equiv 
_atom_site.pdbx_formal_charge 
_atom_site.auth_seq_id 
_atom_site.auth_comp_id 
_atom_site.auth_asym_id 
_atom_site.auth_atom_id 
_atom_site.pdbx_PDB_model_num 
_atom_site.calc_flag 
ATOM   1   N N   . GLY A 1 1  ? -6.193  -12.335 10.516  1.000 35.833 0 1   GLY A N   1 ? 
ATOM   2   C CA  . GLY A 1 1  ? -7.115  -13.056 9.618   1.000 30.060 0 1   GLY A CA  1 ? 
ATOM   3   C C   . GLY A 1 1  ? -7.470  -12.206 8.405   1.000 24.406 0 1   GLY A C   1 ? 
ATOM   4   O O   . GLY A 1 1  ? -6.691  -11.333 8.018   1.000 23.098 0 1   GLY A O   1 ? 
ATOM   5   N N   . ILE A 1 2  ? -8.658  -12.444 7.845   1.000 22.982 0 2   ILE A N   1 ? 
ATOM   6   C CA  . ILE A 1 2  ? -9.051  -11.800 6.603   1.000 21.810 0 2   ILE A CA  1 ? 
ATOM   7   C C   . ILE A 1 2  ? -9.115  -10.285 6.758   1.000 17.182 0 2   ILE A C   1 ? 
ATOM   8   O O   . ILE A 1 2  ? -8.711  -9.565  5.866   1.000 15.977 0 2   ILE A O   1 ? 
ATOM   9   C CB  . ILE A 1 2  ? -10.359 -12.374 6.036   1.000 28.070 0 2   ILE A CB  1 ? 
ATOM   10  C CG1 . ILE A 1 2  ? -10.121 -13.732 5.361   1.000 35.533 0 2   ILE A CG1 1 ? 
ATOM   11  C CG2 . ILE A 1 2  ? -11.071 -11.439 5.062   1.000 30.177 0 2   ILE A CG2 1 ? 
ATOM   12  C CD1 . ILE A 1 2  ? -11.334 -14.602 5.210   1.000 42.452 0 2   ILE A CD1 1 ? 
ATOM   13  N N   . GLY A 1 3  ? -9.594  -9.828  7.895   1.000 17.196 0 3   GLY A N   1 ? 
ATOM   14  C CA  . GLY A 1 3  ? -9.677  -8.400  8.116   1.000 17.858 0 3   GLY A CA  1 ? 
ATOM   15  C C   . GLY A 1 3  ? -8.310  -7.746  8.112   1.000 15.665 0 3   GLY A C   1 ? 
ATOM   16  O O   . GLY A 1 3  ? -8.087  -6.736  7.479   1.000 16.504 0 3   GLY A O   1 ? 
ATOM   17  N N   . LYS A 1 4  ? -7.388  -8.300  8.868   1.000 17.064 0 4   LYS A N   1 ? 
ATOM   18  C CA  . LYS A 1 4  ? -6.043  -7.772  8.924   1.000 17.978 0 4   LYS A CA  1 ? 
ATOM   19  C C   . LYS A 1 4  ? -5.429  -7.819  7.517   1.000 14.584 0 4   LYS A C   1 ? 
ATOM   20  O O   . LYS A 1 4  ? -4.719  -6.915  7.134   1.000 15.058 0 4   LYS A O   1 ? 
ATOM   21  C CB  . LYS A 1 4  ? -5.195  -8.542  9.905   1.000 22.877 0 4   LYS A CB  1 ? 
ATOM   22  C CG  . LYS A 1 4  ? -3.829  -7.893  10.136  1.000 28.163 0 4   LYS A CG  1 ? 
ATOM   23  C CD  . LYS A 1 4  ? -3.107  -8.354  11.362  1.000 34.361 0 4   LYS A CD  1 ? 
ATOM   24  C CE  . LYS A 1 4  ? -2.096  -7.351  11.877  1.000 39.615 0 4   LYS A CE  1 ? 
ATOM   25  N NZ  . LYS A 1 4  ? -1.420  -6.602  10.799  1.000 46.288 0 4   LYS A NZ  1 ? 
ATOM   26  N N   . PHE A 1 5  ? -5.603  -8.918  6.780   1.000 13.115 0 5   PHE A N   1 ? 
ATOM   27  C CA  . PHE A 1 5  ? -5.051  -8.995  5.436   1.000 12.491 0 5   PHE A CA  1 ? 
ATOM   28  C C   . PHE A 1 5  ? -5.607  -7.914  4.532   1.000 11.500 0 5   PHE A C   1 ? 
ATOM   29  O O   . PHE A 1 5  ? -4.846  -7.202  3.879   1.000 11.434 0 5   PHE A O   1 ? 
ATOM   30  C CB  . PHE A 1 5  ? -5.312  -10.379 4.875   1.000 14.105 0 5   PHE A CB  1 ? 
ATOM   31  C CG  . PHE A 1 5  ? -4.799  -10.506 3.482   1.000 13.807 0 5   PHE A CG  1 ? 
ATOM   32  C CD1 . PHE A 1 5  ? -3.431  -10.458 3.235   1.000 15.660 0 5   PHE A CD1 1 ? 
ATOM   33  C CD2 . PHE A 1 5  ? -5.627  -10.480 2.386   1.000 17.805 0 5   PHE A CD2 1 ? 
ATOM   34  C CE1 . PHE A 1 5  ? -2.948  -10.542 1.944   1.000 16.461 0 5   PHE A CE1 1 ? 
ATOM   35  C CE2 . PHE A 1 5  ? -5.129  -10.530 1.089   1.000 19.942 0 5   PHE A CE2 1 ? 
ATOM   36  C CZ  . PHE A 1 5  ? -3.783  -10.573 0.872   1.000 17.862 0 5   PHE A CZ  1 ? 
ATOM   37  N N   . LEU A 1 6  ? -6.925  -7.759  4.510   1.000 11.261 0 6   LEU A N   1 ? 
ATOM   38  C CA  . LEU A 1 6  ? -7.507  -6.759  3.643   1.000 11.836 0 6   LEU A CA  1 ? 
ATOM   39  C C   . LEU A 1 6  ? -7.065  -5.355  4.038   1.000 12.485 0 6   LEU A C   1 ? 
ATOM   40  O O   . LEU A 1 6  ? -6.732  -4.523  3.186   1.000 13.497 0 6   LEU A O   1 ? 
ATOM   41  C CB  . LEU A 1 6  ? -9.029  -6.851  3.702   1.000 12.821 0 6   LEU A CB  1 ? 
ATOM   42  C CG  . LEU A 1 6  ? -9.654  -8.028  3.018   1.000 14.965 0 6   LEU A CG  1 ? 
ATOM   43  C CD1 . LEU A 1 6  ? -11.122 -8.115  3.348   1.000 17.100 0 6   LEU A CD1 1 ? 
ATOM   44  C CD2 . LEU A 1 6  ? -9.488  -7.970  1.516   1.000 17.327 0 6   LEU A CD2 1 ? 
ATOM   45  N N   . HIS A 1 7  ? -7.083  -5.044  5.322   1.000 12.652 0 7   HIS A N   1 ? 
ATOM   46  C CA  . HIS A 1 7  ? -6.715  -3.718  5.781   1.000 14.322 0 7   HIS A CA  1 ? 
ATOM   47  C C   . HIS A 1 7  ? -5.254  -3.428  5.508   1.000 12.649 0 7   HIS A C   1 ? 
ATOM   48  O O   . HIS A 1 7  ? -4.892  -2.355  5.028   1.000 13.884 0 7   HIS A O   1 ? 
ATOM   49  C CB  . HIS A 1 7  ? -7.038  -3.610  7.278   1.000 17.500 0 7   HIS A CB  1 ? 
ATOM   50  C CG  . HIS A 1 7  ? -6.605  -2.436  7.960   1.000 21.200 0 7   HIS A CG  1 ? 
ATOM   51  N ND1 . HIS A 1 7  ? -7.170  -1.217  7.696   1.000 28.592 0 7   HIS A ND1 1 ? 
ATOM   52  C CD2 . HIS A 1 7  ? -5.525  -2.161  8.733   1.000 26.225 0 7   HIS A CD2 1 ? 
ATOM   53  C CE1 . HIS A 1 7  ? -6.639  -0.269  8.458   1.000 30.181 0 7   HIS A CE1 1 ? 
ATOM   54  N NE2 . HIS A 1 7  ? -5.578  -0.816  9.064   1.000 30.885 0 7   HIS A NE2 1 ? 
ATOM   55  N N   . SER A 1 8  ? -4.390  -4.399  5.838   1.000 11.823 0 8   SER A N   1 ? 
ATOM   56  C CA  . SER A 1 8  ? -2.961  -4.195  5.619   1.000 11.504 0 8   SER A CA  1 ? 
ATOM   57  C C   . SER A 1 8  ? -2.646  -4.089  4.135   1.000 10.191 0 8   SER A C   1 ? 
ATOM   58  O O   . SER A 1 8  ? -1.739  -3.341  3.754   1.000 10.423 0 8   SER A O   1 ? 
ATOM   59  C CB  . SER A 1 8  ? -2.124  -5.271  6.270   1.000 12.793 0 8   SER A CB  1 ? 
ATOM   60  O OG  . SER A 1 8  ? -2.245  -6.523  5.667   1.000 15.873 0 8   SER A OG  1 ? 
ATOM   61  N N   . ALA A 1 9  ? -3.373  -4.823  3.313   1.000 10.406 0 9   ALA A N   1 ? 
ATOM   62  C CA  . ALA A 1 9  ? -3.131  -4.742  1.871   1.000 11.080 0 9   ALA A CA  1 ? 
ATOM   63  C C   . ALA A 1 9  ? -3.434  -3.361  1.354   1.000 11.740 0 9   ALA A C   1 ? 
ATOM   64  O O   . ALA A 1 9  ? -2.669  -2.800  0.566   1.000 12.564 0 9   ALA A O   1 ? 
ATOM   65  C CB  . ALA A 1 9  ? -3.962  -5.779  1.147   1.000 12.648 0 9   ALA A CB  1 ? 
ATOM   66  N N   . LYS A 1 10 ? -4.547  -2.794  1.755   1.000 13.064 0 10  LYS A N   1 ? 
ATOM   67  C CA  . LYS A 1 10 ? -4.892  -1.479  1.243   1.000 14.884 0 10  LYS A CA  1 ? 
ATOM   68  C C   . LYS A 1 10 ? -3.877  -0.417  1.679   1.000 13.988 0 10  LYS A C   1 ? 
ATOM   69  O O   . LYS A 1 10 ? -3.474  0.440   0.910   1.000 14.781 0 10  LYS A O   1 ? 
ATOM   70  C CB  . LYS A 1 10 ? -6.302  -1.136  1.700   1.000 18.262 0 10  LYS A CB  1 ? 
ATOM   71  C CG  . LYS A 1 10 ? -6.830  0.137   1.095   1.000 25.966 0 10  LYS A CG  1 ? 
ATOM   72  C CD  . LYS A 1 10 ? -8.276  0.310   1.372   1.000 32.623 0 10  LYS A CD  1 ? 
ATOM   73  C CE  . LYS A 1 10 ? -8.910  1.397   0.550   1.000 37.559 0 10  LYS A CE  1 ? 
ATOM   74  N NZ  . LYS A 1 10 ? -10.363 1.330   0.780   1.000 43.416 0 10  LYS A NZ  1 ? 
ATOM   75  N N   . LYS A 1 11 ? -3.465  -0.461  2.959   1.000 12.655 0 11  LYS A N   1 ? 
ATOM   76  C CA  . LYS A 1 11 ? -2.479  0.473   3.441   1.000 13.290 0 11  LYS A CA  1 ? 
ATOM   77  C C   . LYS A 1 11 ? -1.164  0.354   2.707   1.000 11.595 0 11  LYS A C   1 ? 
ATOM   78  O O   . LYS A 1 11 ? -0.547  1.351   2.308   1.000 12.748 0 11  LYS A O   1 ? 
ATOM   79  C CB  . LYS A 1 11 ? -2.287  0.327   4.933   1.000 15.701 0 11  LYS A CB  1 ? 
ATOM   80  C CG  . LYS A 1 11 ? -3.495  0.664   5.757   1.000 22.665 0 11  LYS A CG  1 ? 
ATOM   81  C CD  . LYS A 1 11 ? -3.261  0.549   7.240   1.000 33.141 0 11  LYS A CD  1 ? 
ATOM   82  C CE  . LYS A 1 11 ? -2.279  1.575   7.761   1.000 40.993 0 11  LYS A CE  1 ? 
ATOM   83  N NZ  . LYS A 1 11 ? -2.417  1.765   9.227   1.000 46.627 0 11  LYS A NZ  1 ? 
ATOM   84  N N   . PHE A 1 12 ? -0.693  -0.868  2.524   1.000 10.556 0 12  PHE A N   1 ? 
ATOM   85  C CA  . PHE A 1 12 ? 0.530   -1.112  1.802   1.000 10.156 0 12  PHE A CA  1 ? 
ATOM   86  C C   . PHE A 1 12 ? 0.400   -0.674  0.366   1.000 10.719 0 12  PHE A C   1 ? 
ATOM   87  O O   . PHE A 1 12 ? 1.319   -0.044  -0.189  1.000 11.379 0 12  PHE A O   1 ? 
ATOM   88  C CB  . PHE A 1 12 ? 0.923   -2.575  1.882   1.000 10.536 0 12  PHE A CB  1 ? 
ATOM   89  C CG  . PHE A 1 12 ? 2.030   -2.983  0.969   1.000 12.367 0 12  PHE A CG  1 ? 
ATOM   90  C CD1 . PHE A 1 12 ? 3.308   -2.518  1.103   1.000 15.436 0 12  PHE A CD1 1 ? 
ATOM   91  C CD2 . PHE A 1 12 ? 1.757   -3.771  -0.112  1.000 17.581 0 12  PHE A CD2 1 ? 
ATOM   92  C CE1 . PHE A 1 12 ? 4.317   -2.948  0.228   1.000 18.215 0 12  PHE A CE1 1 ? 
ATOM   93  C CE2 . PHE A 1 12 ? 2.714   -4.147  -1.023  1.000 21.191 0 12  PHE A CE2 1 ? 
ATOM   94  C CZ  . PHE A 1 12 ? 3.994   -3.754  -0.819  1.000 21.096 0 12  PHE A CZ  1 ? 
ATOM   95  N N   . GLY A 1 13 ? -0.695  -1.016  -0.291  1.000 11.112 0 13  GLY A N   1 ? 
ATOM   96  C CA  . GLY A 1 13 ? -0.853  -0.683  -1.687  1.000 11.966 0 13  GLY A CA  1 ? 
ATOM   97  C C   . GLY A 1 13 ? -0.794  0.813   -1.914  1.000 11.872 0 13  GLY A C   1 ? 
ATOM   98  O O   . GLY A 1 13 ? -0.149  1.299   -2.859  1.000 12.742 0 13  GLY A O   1 ? 
ATOM   99  N N   . LYS A 1 14 ? -1.474  1.589   -1.064  1.000 11.891 0 14  LYS A N   1 ? 
ATOM   100 C CA  . LYS A 1 14 ? -1.426  3.025   -1.187  1.000 13.213 0 14  LYS A CA  1 ? 
ATOM   101 C C   . LYS A 1 14 ? -0.017  3.566   -0.966  1.000 12.588 0 14  LYS A C   1 ? 
ATOM   102 O O   . LYS A 1 14 ? 0.446   4.443   -1.714  1.000 13.734 0 14  LYS A O   1 ? 
ATOM   103 C CB  . LYS A 1 14 ? -2.387  3.658   -0.196  1.000 14.709 0 14  LYS A CB  1 ? 
ATOM   104 C CG  . LYS A 1 14 ? -3.837  3.401   -0.555  1.000 18.051 0 14  LYS A CG  1 ? 
ATOM   105 C CD  . LYS A 1 14 ? -4.787  4.081   0.344   1.000 23.465 0 14  LYS A CD  1 ? 
ATOM   106 C CE  . LYS A 1 14 ? -6.223  3.824   -0.049  1.000 27.668 0 14  LYS A CE  1 ? 
ATOM   107 N NZ  . LYS A 1 14 ? -7.071  4.622   0.852   1.000 32.911 0 14  LYS A NZ  1 ? 
ATOM   108 N N   . ALA A 1 15 ? 0.696   3.034   0.049   1.000 11.799 0 15  ALA A N   1 ? 
ATOM   109 C CA  . ALA A 1 15 ? 2.043   3.475   0.303   1.000 12.690 0 15  ALA A CA  1 ? 
ATOM   110 C C   . ALA A 1 15 ? 2.960   3.109   -0.856  1.000 11.868 0 15  ALA A C   1 ? 
ATOM   111 O O   . ALA A 1 15 ? 3.875   3.864   -1.195  1.000 13.744 0 15  ALA A O   1 ? 
ATOM   112 C CB  . ALA A 1 15 ? 2.532   2.889   1.624   1.000 13.144 0 15  ALA A CB  1 ? 
ATOM   113 N N   . PHE A 1 16 ? 2.738   1.946   -1.448  1.000 11.249 0 16  PHE A N   1 ? 
ATOM   114 C CA  . PHE A 1 16 ? 3.581   1.483   -2.550  1.000 11.767 0 16  PHE A CA  1 ? 
ATOM   115 C C   . PHE A 1 16 ? 3.404   2.377   -3.779  1.000 12.497 0 16  PHE A C   1 ? 
ATOM   116 O O   . PHE A 1 16 ? 4.382   2.766   -4.410  1.000 14.429 0 16  PHE A O   1 ? 
ATOM   117 C CB  . PHE A 1 16 ? 3.227   0.026   -2.851  1.000 11.645 0 16  PHE A CB  1 ? 
ATOM   118 C CG  . PHE A 1 16 ? 4.261   -0.742  -3.606  1.000 12.504 0 16  PHE A CG  1 ? 
ATOM   119 C CD1 . PHE A 1 16 ? 5.479   -0.228  -4.036  1.000 15.081 0 16  PHE A CD1 1 ? 
ATOM   120 C CD2 . PHE A 1 16 ? 4.098   -2.079  -3.746  1.000 19.969 0 16  PHE A CD2 1 ? 
ATOM   121 C CE1 . PHE A 1 16 ? 6.400   -1.006  -4.711  1.000 14.891 0 16  PHE A CE1 1 ? 
ATOM   122 C CE2 . PHE A 1 16 ? 5.065   -2.851  -4.369  1.000 23.212 0 16  PHE A CE2 1 ? 
ATOM   123 C CZ  . PHE A 1 16 ? 6.201   -2.305  -4.842  1.000 17.858 0 16  PHE A CZ  1 ? 
ATOM   124 N N   . VAL A 1 17 ? 2.158   2.714   -4.101  1.000 12.968 0 17  VAL A N   1 ? 
ATOM   125 C CA  . VAL A 1 17 ? 1.950   3.655   -5.209  1.000 14.549 0 17  VAL A CA  1 ? 
ATOM   126 C C   . VAL A 1 17 ? 2.680   4.964   -4.955  1.000 15.257 0 17  VAL A C   1 ? 
ATOM   127 O O   . VAL A 1 17 ? 3.308   5.531   -5.837  1.000 16.538 0 17  VAL A O   1 ? 
ATOM   128 C CB  . VAL A 1 17 ? 0.455   3.845   -5.448  1.000 16.354 0 17  VAL A CB  1 ? 
ATOM   129 C CG1 . VAL A 1 17 ? 0.187   4.986   -6.420  1.000 19.777 0 17  VAL A CG1 1 ? 
ATOM   130 C CG2 . VAL A 1 17 ? -0.150  2.559   -5.952  1.000 18.254 0 17  VAL A CG2 1 ? 
ATOM   131 N N   . GLY A 1 18 ? 2.604   5.450   -3.712  1.000 15.507 0 18  GLY A N   1 ? 
ATOM   132 C CA  . GLY A 1 18 ? 3.336   6.662   -3.345  1.000 18.567 0 18  GLY A CA  1 ? 
ATOM   133 C C   . GLY A 1 18 ? 4.840   6.520   -3.587  1.000 19.997 0 18  GLY A C   1 ? 
ATOM   134 O O   . GLY A 1 18 ? 5.466   7.429   -4.124  1.000 24.797 0 18  GLY A O   1 ? 
ATOM   135 N N   . GLU A 1 19 ? 5.427   5.373   -3.245  1.000 19.723 0 19  GLU A N   1 ? 
ATOM   136 C CA  A GLU A 1 19 ? 6.852   5.160   -3.461  0.500 24.647 0 19  GLU A CA  1 ? 
ATOM   137 C CA  B GLU A 1 19 ? 6.855   5.144   -3.449  0.500 22.889 0 19  GLU A CA  1 ? 
ATOM   138 C C   . GLU A 1 19 ? 7.195   5.126   -4.942  1.000 22.442 0 19  GLU A C   1 ? 
ATOM   139 O O   . GLU A 1 19 ? 8.206   5.692   -5.362  1.000 26.031 0 19  GLU A O   1 ? 
ATOM   140 C CB  A GLU A 1 19 ? 7.293   3.866   -2.802  0.500 36.451 0 19  GLU A CB  1 ? 
ATOM   141 C CB  B GLU A 1 19 ? 7.303   3.836   -2.788  0.500 27.576 0 19  GLU A CB  1 ? 
ATOM   142 C CG  A GLU A 1 19 ? 7.355   4.066   -1.318  0.500 41.093 0 19  GLU A CG  1 ? 
ATOM   143 C CG  B GLU A 1 19 ? 8.685   3.947   -2.168  0.500 34.580 0 19  GLU A CG  1 ? 
ATOM   144 C CD  A GLU A 1 19 ? 8.268   5.173   -0.787  0.500 49.988 0 19  GLU A CD  1 ? 
ATOM   145 C CD  B GLU A 1 19 ? 8.743   5.057   -1.129  0.500 43.890 0 19  GLU A CD  1 ? 
ATOM   146 O OE1 A GLU A 1 19 ? 9.544   5.086   -1.081  0.500 69.988 0 19  GLU A OE1 1 ? 
ATOM   147 O OE1 B GLU A 1 19 ? 9.588   5.952   -1.273  0.500 47.736 0 19  GLU A OE1 1 ? 
ATOM   148 O OE2 A GLU A 1 19 ? 7.773   6.042   -0.053  0.500 52.000 0 19  GLU A OE2 1 ? 
ATOM   149 O OE2 B GLU A 1 19 ? 7.881   5.067   -0.221  0.500 46.046 0 19  GLU A OE2 1 ? 
ATOM   150 N N   . ILE A 1 20 ? 6.346   4.487   -5.751  1.000 19.270 0 20  ILE A N   1 ? 
ATOM   151 C CA  A ILE A 1 20 ? 6.607   4.345   -7.180  0.690 21.293 0 20  ILE A CA  1 ? 
ATOM   152 C CA  B ILE A 1 20 ? 6.659   4.360   -7.168  0.310 24.450 0 20  ILE A CA  1 ? 
ATOM   153 C C   . ILE A 1 20 ? 6.653   5.731   -7.843  1.000 29.726 0 20  ILE A C   1 ? 
ATOM   154 O O   . ILE A 1 20 ? 7.377   5.937   -8.812  1.000 37.829 0 20  ILE A O   1 ? 
ATOM   155 C CB  A ILE A 1 20 ? 5.564   3.349   -7.766  0.690 21.333 0 20  ILE A CB  1 ? 
ATOM   156 C CB  B ILE A 1 20 ? 5.731   3.347   -7.869  0.310 25.768 0 20  ILE A CB  1 ? 
ATOM   157 C CG1 A ILE A 1 20 ? 5.785   1.908   -7.253  0.690 21.381 0 20  ILE A CG1 1 ? 
ATOM   158 C CG1 B ILE A 1 20 ? 6.102   3.144   -9.335  0.310 28.258 0 20  ILE A CG1 1 ? 
ATOM   159 C CG2 A ILE A 1 20 ? 5.553   3.378   -9.282  0.690 26.029 0 20  ILE A CG2 1 ? 
ATOM   160 C CG2 B ILE A 1 20 ? 4.269   3.709   -7.743  0.310 25.021 0 20  ILE A CG2 1 ? 
ATOM   161 C CD1 A ILE A 1 20 ? 4.579   0.995   -7.390  0.690 22.166 0 20  ILE A CD1 1 ? 
ATOM   162 C CD1 B ILE A 1 20 ? 5.062   2.351   -10.100 0.310 29.479 0 20  ILE A CD1 1 ? 
ATOM   163 N N   . MET A 1 21 ? 5.836   6.676   -7.345  1.000 22.524 0 21  MET A N   1 ? 
ATOM   164 C CA  A MET A 1 21 ? 5.717   8.026   -7.896  0.660 21.988 0 21  MET A CA  1 ? 
ATOM   165 C CA  B MET A 1 21 ? 5.721   8.016   -7.907  0.340 26.021 0 21  MET A CA  1 ? 
ATOM   166 C C   . MET A 1 21 ? 6.745   9.001   -7.316  1.000 26.939 0 21  MET A C   1 ? 
ATOM   167 O O   . MET A 1 21 ? 6.864   10.128  -7.814  1.000 32.135 0 21  MET A O   1 ? 
ATOM   168 C CB  A MET A 1 21 ? 4.329   8.604   -7.612  0.660 21.965 0 21  MET A CB  1 ? 
ATOM   169 C CB  B MET A 1 21 ? 4.306   8.561   -7.690  0.340 30.122 0 21  MET A CB  1 ? 
ATOM   170 C CG  A MET A 1 21 ? 3.215   7.826   -8.274  0.660 18.748 0 21  MET A CG  1 ? 
ATOM   171 C CG  B MET A 1 21 ? 3.206   7.683   -8.286  0.340 33.993 0 21  MET A CG  1 ? 
ATOM   172 S SD  A MET A 1 21 ? 1.651   8.763   -8.236  0.660 19.991 0 21  MET A SD  1 ? 
ATOM   173 S SD  B MET A 1 21 ? 3.715   6.872   -9.825  0.340 46.206 0 21  MET A SD  1 ? 
ATOM   174 C CE  A MET A 1 21 ? 1.299   8.919   -6.489  0.660 20.377 0 21  MET A CE  1 ? 
ATOM   175 C CE  B MET A 1 21 ? 2.396   5.684   -10.072 0.340 42.076 0 21  MET A CE  1 ? 
ATOM   176 N N   A ASN A 1 22 ? 7.535   8.575   -6.324  0.500 30.383 0 22  ASN A N   1 ? 
ATOM   177 N N   B ASN A 1 22 ? 7.530   8.589   -6.313  0.500 30.512 0 22  ASN A N   1 ? 
ATOM   178 C CA  A ASN A 1 22 ? 8.530   9.427   -5.678  0.500 36.459 0 22  ASN A CA  1 ? 
ATOM   179 C CA  B ASN A 1 22 ? 8.522   9.459   -5.683  0.500 36.086 0 22  ASN A CA  1 ? 
ATOM   180 C C   A ASN A 1 22 ? 9.848   9.341   -6.444  0.500 41.623 0 22  ASN A C   1 ? 
ATOM   181 C C   B ASN A 1 22 ? 9.846   9.346   -6.431  0.500 41.352 0 22  ASN A C   1 ? 
ATOM   182 O O   A ASN A 1 22 ? 10.267  8.261   -6.866  0.500 45.378 0 22  ASN A O   1 ? 
ATOM   183 O O   B ASN A 1 22 ? 10.264  8.255   -6.832  0.500 44.926 0 22  ASN A O   1 ? 
ATOM   184 C CB  A ASN A 1 22 ? 8.758   9.014   -4.219  0.500 40.237 0 22  ASN A CB  1 ? 
ATOM   185 C CB  B ASN A 1 22 ? 8.724   9.116   -4.201  0.500 39.109 0 22  ASN A CB  1 ? 
ATOM   186 C CG  A ASN A 1 22 ? 9.591   9.994   -3.417  0.500 46.668 0 22  ASN A CG  1 ? 
ATOM   187 C CG  B ASN A 1 22 ? 9.643   10.056  -3.446  0.500 44.236 0 22  ASN A CG  1 ? 
ATOM   188 O OD1 A ASN A 1 22 ? 9.849   11.110  -3.870  0.500 51.393 0 22  ASN A OD1 1 ? 
ATOM   189 O OD1 B ASN A 1 22 ? 9.185   10.877  -2.650  0.500 49.470 0 22  ASN A OD1 1 ? 
ATOM   190 N ND2 A ASN A 1 22 ? 10.008  9.585   -2.230  0.500 46.821 0 22  ASN A ND2 1 ? 
ATOM   191 N ND2 B ASN A 1 22 ? 10.942  9.931   -3.667  0.500 45.532 0 22  ASN A ND2 1 ? 
ATOM   192 N N   . SER A 1 23 ? 10.526  10.484  -6.564  1.000 45.828 0 23  SER A N   1 ? 
HETATM 193 O O   . HOH B 2 .  ? 4.922   5.842   0.372   1.000 34.806 0 101 HOH A O   1 ? 
HETATM 194 O O   . HOH B 2 .  ? -0.825  3.901   3.346   1.000 27.966 0 102 HOH A O   1 ? 
HETATM 195 O O   . HOH B 2 .  ? 0.042   -2.692  5.789   0.500 13.655 0 103 HOH A O   1 ? 
HETATM 196 O O   . HOH B 2 .  ? -8.580  -0.575  5.248   1.000 43.835 0 104 HOH A O   1 ? 
HETATM 197 O O   . HOH B 2 .  ? -8.597  -3.607  1.053   1.000 39.766 0 105 HOH A O   1 ? 
HETATM 198 O O   . HOH B 2 .  ? 0.136   6.053   2.008   1.000 40.391 0 106 HOH A O   1 ? 
HETATM 199 O O   . HOH B 2 .  ? -3.786  4.385   4.115   1.000 42.962 0 107 HOH A O   1 ? 
HETATM 200 O O   . HOH B 2 .  ? 0.778   -2.423  -7.114  0.330 80.724 0 108 HOH A O   1 ? 
HETATM 201 O O   . HOH B 2 .  ? 1.913   -6.508  -5.998  0.330 69.529 0 109 HOH A O   1 ? 
HETATM 202 O O   . HOH B 2 .  ? 3.245   -6.241  -6.426  0.330 71.263 0 110 HOH A O   1 ? 
# 
loop_
_atom_site_anisotrop.id 
_atom_site_anisotrop.type_symbol 
_atom_site_anisotrop.pdbx_label_atom_id 
_atom_site_anisotrop.pdbx_label_alt_id 
_atom_site_anisotrop.pdbx_label_comp_id 
_atom_site_anisotrop.pdbx_label_asym_id 
_atom_site_anisotrop.pdbx_label_seq_id 
_atom_site_anisotrop.pdbx_PDB_ins_code 
_atom_site_anisotrop.U[1][1] 
_atom_site_anisotrop.U[2][2] 
_atom_site_anisotrop.U[3][3] 
_atom_site_anisotrop.U[1][2] 
_atom_site_anisotrop.U[1][3] 
_atom_site_anisotrop.U[2][3] 
_atom_site_anisotrop.pdbx_auth_seq_id 
_atom_site_anisotrop.pdbx_auth_comp_id 
_atom_site_anisotrop.pdbx_auth_asym_id 
_atom_site_anisotrop.pdbx_auth_atom_id 
1   N N   . GLY A 1  ? 0.41980071 0.44693989 0.49473563 0.01167145  0.10830083  0.09211351  1   GLY A N   
2   C CA  . GLY A 1  ? 0.40508456 0.30677042 0.43029615 0.01668733  0.09564438  0.10679713  1   GLY A CA  
3   C C   . GLY A 1  ? 0.32022329 0.25963546 0.34747371 -0.00237038 0.10452068  0.08671628  1   GLY A C   
4   O O   . GLY A 1  ? 0.25526195 0.27209178 0.35027448 0.01910511  0.07271974  0.06434337  1   GLY A O   
5   N N   . ILE A 2  ? 0.30880581 0.22395625 0.34043454 -0.02634984 0.10497246  0.03281501  2   ILE A N   
6   C CA  . ILE A 2  ? 0.27964588 0.26102380 0.28802608 -0.05357338 0.09488131  -0.01049538 2   ILE A CA  
7   C C   . ILE A 2  ? 0.17319683 0.24365327 0.23599637 -0.04105264 0.07893329  -0.00085104 2   ILE A C   
8   O O   . ILE A 2  ? 0.16900184 0.23333360 0.20471794 -0.02985138 0.06654468  0.01052012  2   ILE A O   
9   C CB  . ILE A 2  ? 0.35299916 0.27065845 0.44286838 -0.09623531 0.05054134  -0.03323028 2   ILE A CB  
10  C CG1 . ILE A 2  ? 0.46754157 0.35299681 0.52955749 -0.08552972 0.04838340  -0.07812960 2   ILE A CG1 
11  C CG2 . ILE A 2  ? 0.43027520 0.36114792 0.35518173 -0.14498575 0.02247359  -0.00518174 2   ILE A CG2 
12  C CD1 . ILE A 2  ? 0.51824509 0.45312054 0.64163268 -0.08713254 0.02261179  -0.04334829 2   ILE A CD1 
13  N N   . GLY A 3  ? 0.17689138 0.23754944 0.23891223 -0.01762560 0.08744354  0.02109992  3   GLY A N   
14  C CA  . GLY A 3  ? 0.17610375 0.25220372 0.25022923 0.00468931  0.09738134  0.00443486  3   GLY A CA  
15  C C   . GLY A 3  ? 0.17622654 0.22869958 0.19027923 0.00268409  0.07404677  -0.03066543 3   GLY A C   
16  O O   . GLY A 3  ? 0.19626559 0.20776454 0.22306502 0.00765523  0.08875458  -0.01469512 3   GLY A O   
17  N N   . LYS A 4  ? 0.19288063 0.27058359 0.18488808 -0.01441980 0.06338451  0.01397735  4   LYS A N   
18  C CA  . LYS A 4  ? 0.18907561 0.33228901 0.16171987 -0.01705726 0.02884022  0.00392163  4   LYS A CA  
19  C C   . LYS A 4  ? 0.15866055 0.22634231 0.16913768 -0.02500715 0.02267598  0.00263112  4   LYS A C   
20  O O   . LYS A 4  ? 0.17109565 0.23286110 0.16817663 -0.02358319 0.03008555  -0.01531335 4   LYS A O   
21  C CB  . LYS A 4  ? 0.25083795 0.44304154 0.17532522 -0.02025441 0.03007350  0.03726888  4   LYS A CB  
22  C CG  . LYS A 4  ? 0.27607243 0.54435140 0.24963414 -0.03479170 0.02592600  0.02921837  4   LYS A CG  
23  C CD  . LYS A 4  ? 0.40959684 0.61518881 0.28076021 -0.02208507 -0.01533563 0.04592406  4   LYS A CD  
24  C CE  . LYS A 4  ? 0.50181262 0.61302167 0.39035537 -0.02968460 0.00182683  -0.01479574 4   LYS A CE  
25  N NZ  . LYS A 4  ? 0.59577207 0.68663975 0.47633736 -0.06869006 0.00853287  -0.04159224 4   LYS A NZ  
26  N N   . PHE A 5  ? 0.14680939 0.17917613 0.17232179 -0.00187381 0.03600825  0.02212644  5   PHE A N   
27  C CA  . PHE A 5  ? 0.12720772 0.16454397 0.18284030 0.00763378  0.04244059  0.00497673  5   PHE A CA  
28  C C   . PHE A 5  ? 0.12871113 0.14941526 0.15881622 -0.00084585 0.04375807  -0.02177492 5   PHE A C   
29  O O   . PHE A 5  ? 0.12573480 0.14765122 0.16104356 -0.00068112 0.04129779  -0.01440618 5   PHE A O   
30  C CB  . PHE A 5  ? 0.15710103 0.16149567 0.21732633 0.00999743  0.04258678  -0.00414309 5   PHE A CB  
31  C CG  . PHE A 5  ? 0.15277623 0.14700903 0.22483235 0.01620035  0.02005268  -0.02841402 5   PHE A CG  
32  C CD1 . PHE A 5  ? 0.16596337 0.22935208 0.19970275 0.04306878  0.03097578  -0.01949175 5   PHE A CD1 
33  C CD2 . PHE A 5  ? 0.17218293 0.27181883 0.23250000 -0.02207447 0.02167927  -0.06366653 5   PHE A CD2 
34  C CE1 . PHE A 5  ? 0.16870914 0.24626957 0.21045578 0.04611872  0.02346502  -0.03092232 5   PHE A CE1 
35  C CE2 . PHE A 5  ? 0.20763660 0.32972113 0.22036358 -0.03895159 -0.01036612 -0.09103526 5   PHE A CE2 
36  C CZ  . PHE A 5  ? 0.20672370 0.26910698 0.20284677 -0.00578146 0.02227529  -0.08473644 5   PHE A CZ  
37  N N   . LEU A 6  ? 0.11379606 0.15767216 0.15639382 0.00033906  0.04238970  -0.00286646 6   LEU A N   
38  C CA  . LEU A 6  ? 0.11611725 0.17535328 0.15823255 -0.00289558 0.03088384  -0.00961506 6   LEU A CA  
39  C C   . LEU A 6  ? 0.11360777 0.17248653 0.18828837 -0.00121853 0.02753473  -0.01333285 6   LEU A C   
40  O O   . LEU A 6  ? 0.13957409 0.17359802 0.19965894 0.00205953  0.01608039  0.00862614  6   LEU A O   
41  C CB  . LEU A 6  ? 0.12385116 0.18757995 0.17570414 -0.00037708 0.02126674  -0.01424404 6   LEU A CB  
42  C CG  . LEU A 6  ? 0.15115598 0.20979623 0.20765101 -0.02274969 0.03962756  -0.04485352 6   LEU A CG  
43  C CD1 . LEU A 6  ? 0.14860315 0.26527622 0.23584523 -0.03542950 0.02332408  -0.05566410 6   LEU A CD1 
44  C CD2 . LEU A 6  ? 0.19745648 0.25172738 0.20915040 -0.03527918 0.02189795  -0.05765926 6   LEU A CD2 
45  N N   . HIS A 7  ? 0.12525260 0.16281749 0.19264853 0.01036103  0.03897102  -0.02743180 7   HIS A N   
46  C CA  . HIS A 7  ? 0.13511955 0.17685952 0.23219236 0.00587459  0.05208476  -0.04953724 7   HIS A CA  
47  C C   . HIS A 7  ? 0.13446903 0.16955601 0.17658637 -0.01091818 0.04302126  -0.03611278 7   HIS A C   
48  O O   . HIS A 7  ? 0.14800606 0.16369321 0.21584073 0.00495360  0.04246991  -0.03037245 7   HIS A O   
49  C CB  . HIS A 7  ? 0.18202514 0.22299897 0.25988986 -0.02220244 0.09480856  -0.09108704 7   HIS A CB  
50  C CG  . HIS A 7  ? 0.23945967 0.26985496 0.29620690 -0.06535360 0.10934492  -0.07960463 7   HIS A CG  
51  N ND1 . HIS A 7  ? 0.28399657 0.24624136 0.55611120 -0.01918538 0.09788675  -0.10913080 7   HIS A ND1 
52  C CD2 . HIS A 7  ? 0.30818764 0.38028465 0.30795513 -0.11585508 0.08429388  -0.09521667 7   HIS A CD2 
53  C CE1 . HIS A 7  ? 0.32958891 0.31545321 0.50169391 -0.05266623 0.08879104  -0.14197743 7   HIS A CE1 
54  N NE2 . HIS A 7  ? 0.38725928 0.39728628 0.38892590 -0.07381643 0.06014008  -0.13824481 7   HIS A NE2 
55  N N   . SER A 8  ? 0.12878977 0.17472901 0.14571641 -0.00941214 0.03676763  -0.01546819 8   SER A N   
56  C CA  . SER A 8  ? 0.12995435 0.17152810 0.13562680 -0.01616524 0.02895485  -0.02208447 8   SER A CA  
57  C C   . SER A 8  ? 0.11396113 0.13865979 0.13457707 -0.00551795 0.01994974  -0.01379206 8   SER A C   
58  O O   . SER A 8  ? 0.11713707 0.15117311 0.12770610 -0.00996689 0.01448391  -0.01341119 8   SER A O   
59  C CB  . SER A 8  ? 0.13702985 0.21188031 0.13715916 -0.00829999 0.02578310  0.00670582  8   SER A CB  
60  O OG  . SER A 8  ? 0.16143506 0.22370402 0.21797850 0.00455305  0.01295064  0.00234767  8   SER A OG  
61  N N   . ALA A 9  ? 0.11581101 0.15581037 0.12374922 -0.01940280 0.02167608  -0.01110078 9   ALA A N   
62  C CA  . ALA A 9  ? 0.12890197 0.16312764 0.12895177 -0.01817642 0.01062554  -0.01732611 9   ALA A CA  
63  C C   . ALA A 9  ? 0.12806267 0.18074212 0.13726796 -0.02347780 0.00238069  -0.01174894 9   ALA A C   
64  O O   . ALA A 9  ? 0.17558113 0.16830579 0.13348656 -0.03003965 0.00924417  -0.00902733 9   ALA A O   
65  C CB  . ALA A 9  ? 0.15998767 0.18157134 0.13900929 -0.03994681 0.02093396  -0.02154030 9   ALA A CB  
66  N N   . LYS A 10 ? 0.14510834 0.18223860 0.16901721 -0.00654249 -0.00096541 0.01753922  10  LYS A N   
67  C CA  . LYS A 10 ? 0.14351811 0.22199641 0.20000402 0.00792041  -0.00301079 0.02494196  10  LYS A CA  
68  C C   . LYS A 10 ? 0.15517810 0.18376810 0.19252132 0.03031219  0.00879732  0.02111438  10  LYS A C   
69  O O   . LYS A 10 ? 0.18314935 0.18808187 0.19039374 0.01917153  0.01332321  0.03984151  10  LYS A O   
70  C CB  . LYS A 10 ? 0.17110885 0.24453931 0.27821082 0.02487550  0.00271143  0.04933112  10  LYS A CB  
71  C CG  . LYS A 10 ? 0.23700752 0.34783268 0.40176825 0.06165639  0.02282295  0.07238924  10  LYS A CG  
72  C CD  . LYS A 10 ? 0.29547739 0.44085749 0.50320498 0.12142388  0.03899852  0.04154091  10  LYS A CD  
73  C CE  . LYS A 10 ? 0.35709063 0.51602222 0.55395044 0.14812017  0.02874418  0.05044887  10  LYS A CE  
74  N NZ  . LYS A 10 ? 0.36195424 0.59407398 0.69359763 0.18604086  0.01374068  0.02453752  10  LYS A NZ  
75  N N   . LYS A 11 ? 0.16085262 0.14531578 0.17466428 0.01596062  0.03224322  0.00481873  11  LYS A N   
76  C CA  . LYS A 11 ? 0.18502853 0.14170348 0.17820998 0.01117188  0.03693754  -0.01464351 11  LYS A CA  
77  C C   . LYS A 11 ? 0.16113967 0.13949599 0.13993619 0.00393181  0.01222444  -0.00459063 11  LYS A C   
78  O O   . LYS A 11 ? 0.18320430 0.14149493 0.15965699 -0.00146909 0.01394930  -0.00126139 11  LYS A O   
79  C CB  . LYS A 11 ? 0.22120627 0.18963136 0.18573245 -0.00133761 0.05242656  -0.02676018 11  LYS A CB  
80  C CG  . LYS A 11 ? 0.31665086 0.27133269 0.27317170 -0.00453109 0.10473788  -0.04822908 11  LYS A CG  
81  C CD  . LYS A 11 ? 0.47349040 0.44624701 0.33948509 0.00599418  0.08319344  -0.03431675 11  LYS A CD  
82  C CE  . LYS A 11 ? 0.58094639 0.56913139 0.40745042 -0.04234757 0.04764434  -0.04589182 11  LYS A CE  
83  N NZ  . LYS A 11 ? 0.68799984 0.65552788 0.42807914 -0.00264218 0.07693879  -0.07606879 11  LYS A NZ  
84  N N   . PHE A 12 ? 0.13810266 0.13674257 0.12622812 0.00230528  0.01164868  -0.00461888 12  PHE A N   
85  C CA  . PHE A 12 ? 0.13090923 0.13456570 0.12041089 -0.00541447 0.00376527  0.00051751  12  PHE A CA  
86  C C   . PHE A 12 ? 0.13179002 0.14719792 0.12826826 -0.00061448 0.00965348  -0.00441381 12  PHE A C   
87  O O   . PHE A 12 ? 0.14635916 0.15620402 0.12978616 -0.00221138 0.00257780  0.01013903  12  PHE A O   
88  C CB  . PHE A 12 ? 0.12598046 0.14670678 0.12762221 0.00061847  0.01233571  0.00743298  12  PHE A CB  
89  C CG  . PHE A 12 ? 0.15600107 0.18162850 0.13227548 0.00908418  0.02597048  0.02236219  12  PHE A CG  
90  C CD1 . PHE A 12 ? 0.13818790 0.26673331 0.18157592 0.01944142  0.02221741  0.03121342  12  PHE A CD1 
91  C CD2 . PHE A 12 ? 0.24471424 0.23324412 0.19002652 0.01734667  0.05091590  -0.04450668 12  PHE A CD2 
92  C CE1 . PHE A 12 ? 0.14817986 0.34483824 0.19908243 0.02187427  0.02485044  0.05634540  12  PHE A CE1 
93  C CE2 . PHE A 12 ? 0.28898935 0.31116044 0.20502563 0.05607850  0.06579171  -0.04681662 12  PHE A CE2 
94  C CZ  . PHE A 12 ? 0.21586815 0.33596334 0.24971325 0.06969757  0.06279520  -0.00573143 12  PHE A CZ  
95  N N   . GLY A 13 ? 0.13933655 0.15594792 0.12690419 -0.00424541 -0.00667638 0.01114271  13  GLY A N   
96  C CA  . GLY A 13 ? 0.14609659 0.16865495 0.13989539 0.00631867  -0.01020753 0.00777517  13  GLY A CA  
97  C C   . GLY A 13 ? 0.14756148 0.17063948 0.13288679 0.01063342  -0.01030091 0.00630920  13  GLY A C   
98  O O   . GLY A 13 ? 0.16509739 0.17987132 0.13917648 0.00790202  -0.00421264 0.01158789  13  GLY A O   
99  N N   . LYS A 14 ? 0.14566084 0.15229961 0.15383737 0.01704944  -0.00625650 0.01644436  14  LYS A N   
100 C CA  . LYS A 14 ? 0.17677179 0.15692618 0.16832347 0.02922995  -0.00233217 0.02034303  14  LYS A CA  
101 C C   . LYS A 14 ? 0.16885104 0.13702082 0.17240245 0.01105173  -0.00632073 0.01203971  14  LYS A C   
102 O O   . LYS A 14 ? 0.18725067 0.16236555 0.17222493 0.01475360  -0.00014882 0.02143004  14  LYS A O   
103 C CB  . LYS A 14 ? 0.18446762 0.16483229 0.20958425 0.03566474  0.01950896  0.01291959  14  LYS A CB  
104 C CG  . LYS A 14 ? 0.20360185 0.21658964 0.26567649 0.04970984  0.02356679  0.04093260  14  LYS A CG  
105 C CD  . LYS A 14 ? 0.22649534 0.32255861 0.34250647 0.08210147  0.04280079  0.03955429  14  LYS A CD  
106 C CE  . LYS A 14 ? 0.24798570 0.38039834 0.42288144 0.08736755  0.04665831  0.05792834  14  LYS A CE  
107 N NZ  . LYS A 14 ? 0.29508933 0.47567480 0.47970401 0.05822423  0.08399267  0.02017911  14  LYS A NZ  
108 N N   . ALA A 15 ? 0.17140877 0.14031956 0.13659104 0.00766287  0.00313206  0.00350728  15  ALA A N   
109 C CA  . ALA A 15 ? 0.18062486 0.14677724 0.15474496 -0.00812822 -0.01383110 -0.00451239 15  ALA A CA  
110 C C   . ALA A 15 ? 0.17451242 0.13713660 0.13927594 -0.00692657 -0.00393216 0.01455541  15  ALA A C   
111 O O   . ALA A 15 ? 0.18679412 0.16591910 0.16949310 -0.02545085 0.00464592  0.01116834  15  ALA A O   
112 C CB  . ALA A 15 ? 0.18424365 0.16421375 0.15097031 -0.00779206 -0.00854624 -0.00371566 15  ALA A CB  
113 N N   . PHE A 16 ? 0.15069052 0.13957982 0.13712542 0.00058000  0.00559525  0.01418103  16  PHE A N   
114 C CA  . PHE A 16 ? 0.15509827 0.15216610 0.13981519 0.00710781  0.01858904  0.01398113  16  PHE A CA  
115 C C   . PHE A 16 ? 0.16807478 0.16510188 0.14164186 0.01281906  0.01144080  0.01909387  16  PHE A C   
116 O O   . PHE A 16 ? 0.19325993 0.18995129 0.16502129 0.01170871  0.02760084  0.05366711  16  PHE A O   
117 C CB  . PHE A 16 ? 0.14222171 0.16146586 0.13877882 0.00453420  0.01885185  0.01596246  16  PHE A CB  
118 C CG  . PHE A 16 ? 0.16748564 0.17376169 0.13384643 0.01249733  0.02374096  0.00975344  16  PHE A CG  
119 C CD1 . PHE A 16 ? 0.16244382 0.20148634 0.20906743 0.01817225  0.03272067  0.01331186  16  PHE A CD1 
120 C CD2 . PHE A 16 ? 0.24939883 0.20329090 0.30603685 -0.02251426 0.13262066  -0.02806478 16  PHE A CD2 
121 C CE1 . PHE A 16 ? 0.16958729 0.22922973 0.16697608 0.02639928  0.01863143  0.01275428  16  PHE A CE1 
122 C CE2 . PHE A 16 ? 0.30961329 0.19225278 0.38006591 -0.01504670 0.14597942  -0.05052161 16  PHE A CE2 
123 C CZ  . PHE A 16 ? 0.22532427 0.21472793 0.23847479 0.01295716  0.09989476  -0.01528701 16  PHE A CZ  
124 N N   . VAL A 17 ? 0.18015927 0.17703521 0.13551539 0.02661378  0.00985818  0.03871900  17  VAL A N   
125 C CA  . VAL A 17 ? 0.19783230 0.20438388 0.15058862 0.02322881  0.01482592  0.03277964  17  VAL A CA  
126 C C   . VAL A 17 ? 0.21868373 0.18800486 0.17299869 0.02300990  0.00981282  0.04247596  17  VAL A C   
127 O O   . VAL A 17 ? 0.23181015 0.20255135 0.19401414 0.01732197  0.02176872  0.05923438  17  VAL A O   
128 C CB  . VAL A 17 ? 0.21190253 0.22129513 0.18819453 0.01866134  -0.01508127 0.05451157  17  VAL A CB  
129 C CG1 . VAL A 17 ? 0.25692131 0.27534294 0.21916798 0.02941200  -0.02067551 0.07680444  17  VAL A CG1 
130 C CG2 . VAL A 17 ? 0.23886073 0.25861081 0.19608179 -0.00017969 -0.02949790 0.06873994  17  VAL A CG2 
131 N N   . GLY A 18 ? 0.22511314 0.18674558 0.17734655 -0.00117631 0.01989440  0.02986135  18  GLY A N   
132 C CA  . GLY A 18 ? 0.29415036 0.18096149 0.23035995 -0.02208295 0.01060105  0.03029128  18  GLY A CA  
133 C C   . GLY A 18 ? 0.28284191 0.22217850 0.25478436 -0.05525602 -0.01646479 0.05248746  18  GLY A C   
134 O O   . GLY A 18 ? 0.35965483 0.25960000 0.32293683 -0.10013316 -0.00887768 0.09236449  18  GLY A O   
135 N N   . GLU A 19 ? 0.25363743 0.23848115 0.25728248 -0.06343676 -0.02821580 0.04999076  19  GLU A N   
136 C CA  A GLU A 19 ? 0.24751026 0.33049088 0.35847753 -0.07105339 -0.02742597 0.01020839  19  GLU A CA  
137 C CA  B GLU A 19 ? 0.24115027 0.31386783 0.31466656 -0.07384859 -0.02668090 0.04755805  19  GLU A CA  
138 C C   . GLU A 19 ? 0.20885044 0.32392098 0.31990609 -0.03440724 0.01488068  0.07945840  19  GLU A C   
139 O O   . GLU A 19 ? 0.23097827 0.38615595 0.37194013 -0.06350486 0.02012578  0.12160807  19  GLU A O   
140 C CB  A GLU A 19 ? 0.30447709 0.40189942 0.67859350 -0.02940592 -0.05088623 -0.02198630 19  GLU A CB  
141 C CB  B GLU A 19 ? 0.31126072 0.36922404 0.36728824 -0.04604422 -0.03443609 0.04913236  19  GLU A CB  
142 C CG  A GLU A 19 ? 0.42226507 0.50487582 0.63419890 -0.02470146 -0.06595745 -0.07373020 19  GLU A CG  
143 C CG  B GLU A 19 ? 0.38032814 0.47933581 0.45423200 -0.05545039 -0.05000989 0.05307305  19  GLU A CG  
144 C CD  A GLU A 19 ? 0.42061177 0.66172571 0.81698508 0.14756444  0.01681303  0.02021271  19  GLU A CD  
145 C CD  B GLU A 19 ? 0.57512470 0.58493462 0.50755710 -0.04992302 -0.06763018 0.01696732  19  GLU A CD  
146 O OE1 A GLU A 19 ? 0.44192595 1.01120135 1.20609727 0.06447084  -0.02810737 0.15926366  19  GLU A OE1 
147 O OE1 B GLU A 19 ? 0.61786981 0.63555958 0.56031618 -0.10098584 -0.00392198 0.08391429  19  GLU A OE1 
148 O OE2 A GLU A 19 ? 0.41607654 0.67555277 0.88413705 -0.01969164 -0.03686706 -0.04266979 19  GLU A OE2 
149 O OE2 B GLU A 19 ? 0.58854918 0.57941527 0.58156031 -0.11422604 -0.00123135 0.03593199  19  GLU A OE2 
150 N N   . ILE A 20 ? 0.20353122 0.28679619 0.24184577 0.00776192  0.02572604  0.10467931  20  ILE A N   
151 C CA  A ILE A 20 ? 0.24375384 0.29612280 0.26917149 0.09211857  0.06212715  0.08267905  20  ILE A CA  
152 C CA  B ILE A 20 ? 0.29983461 0.32010093 0.30906841 0.02950219  0.03260002  0.07195989  20  ILE A CA  
153 C C   . ILE A 20 ? 0.41818787 0.31775745 0.39351641 0.06246049  0.02649638  0.10413510  20  ILE A C   
154 O O   . ILE A 20 ? 0.48269754 0.41440595 0.54024178 0.07037496  0.22833786  0.14464332  20  ILE A O   
155 C CB  A ILE A 20 ? 0.36834530 0.25447251 0.18775760 0.08122146  0.06716743  0.03970318  20  ILE A CB  
156 C CB  B ILE A 20 ? 0.35454228 0.31166487 0.31285463 0.01421389  0.00217020  0.06680477  20  ILE A CB  
157 C CG1 A ILE A 20 ? 0.34583554 0.24318021 0.22335921 0.09560602  0.06713858  0.04145054  20  ILE A CG1 
158 C CG1 B ILE A 20 ? 0.36927284 0.35686292 0.34754559 0.01938146  0.01353170  0.04927749  20  ILE A CG1 
159 C CG2 A ILE A 20 ? 0.41568406 0.34894942 0.22436839 0.09292469  0.06377492  0.01626117  20  ILE A CG2 
160 C CG2 B ILE A 20 ? 0.34665722 0.30244506 0.30159663 -0.01166261 -0.00593564 0.06149369  20  ILE A CG2 
161 C CD1 A ILE A 20 ? 0.38630453 0.26079128 0.19511311 0.12343558  0.06687324  0.00962284  20  ILE A CD1 
162 C CD1 B ILE A 20 ? 0.36300339 0.38029027 0.37676655 0.02913552  -0.00838790 0.04781921  20  ILE A CD1 
163 N N   . MET A 21 ? 0.25660723 0.28373937 0.31546942 -0.00601793 0.00318923  0.11020549  21  MET A N   
164 C CA  A MET A 21 ? 0.20871687 0.28673015 0.33998602 -0.01924519 -0.00431389 0.11019991  21  MET A CA  
165 C CA  B MET A 21 ? 0.28423816 0.30051061 0.40391772 -0.02512950 -0.00959528 0.10964764  21  MET A CA  
166 C C   . MET A 21 ? 0.27525396 0.32424595 0.42407791 -0.07632220 -0.02061793 0.14986368  21  MET A C   
167 O O   . MET A 21 ? 0.37553101 0.32925322 0.51620183 -0.05586010 -0.02948562 0.19016617  21  MET A O   
168 C CB  A MET A 21 ? 0.22313117 0.25724629 0.35420710 -0.01041578 -0.01507208 0.11931402  21  MET A CB  
169 C CB  B MET A 21 ? 0.32520493 0.34718009 0.47211971 -0.00273158 -0.00340123 0.10154707  21  MET A CB  
170 C CG  A MET A 21 ? 0.22086597 0.25895014 0.23251277 -0.00002203 -0.02176538 0.11462775  21  MET A CG  
171 C CG  B MET A 21 ? 0.38938912 0.39729672 0.50490747 -0.01441037 -0.01197537 0.07921431  21  MET A CG  
172 S SD  A MET A 21 ? 0.21189482 0.24412255 0.30355501 0.01466030  -0.01375122 0.10243595  21  MET A SD  
173 S SD  B MET A 21 ? 0.55071877 0.54272680 0.66216232 0.00587596  0.02085684  0.03700507  21  MET A SD  
174 C CE  A MET A 21 ? 0.21265058 0.27117006 0.29042735 0.00719284  -0.04208211 0.05199283  21  MET A CE  
175 C CE  B MET A 21 ? 0.48887607 0.48683843 0.62297111 0.02059657  0.01917512  0.06129597  21  MET A CE  
176 N N   A ASN A 22 ? 0.28549392 0.38977528 0.47913115 -0.10357083 -0.07250241 0.15143573  22  ASN A N   
177 N N   B ASN A 22 ? 0.30363957 0.37259081 0.48307383 -0.09597686 -0.07195340 0.13436602  22  ASN A N   
178 C CA  A ASN A 22 ? 0.34650667 0.43754642 0.60121244 -0.12599643 -0.06699010 0.11213162  22  ASN A CA  
179 C CA  B ASN A 22 ? 0.37126554 0.40108403 0.59876200 -0.11072392 -0.05226195 0.08066000  22  ASN A CA  
180 C C   A ASN A 22 ? 0.39556725 0.48623767 0.69966360 -0.13590319 -0.01264908 0.09414357  22  ASN A C   
181 C C   B ASN A 22 ? 0.41678285 0.45988252 0.69453334 -0.12047144 -0.00553898 0.07640896  22  ASN A C   
182 O O   A ASN A 22 ? 0.37988846 0.59869381 0.74557053 -0.05334786 0.02787354  0.05585302  22  ASN A O   
183 O O   B ASN A 22 ? 0.39801010 0.57078472 0.73819040 -0.03644021 0.02816910  0.03971776  22  ASN A O   
184 C CB  A ASN A 22 ? 0.40392776 0.50690559 0.61799330 -0.13057513 -0.10250639 0.11475577  22  ASN A CB  
185 C CB  B ASN A 22 ? 0.44010946 0.44506044 0.60078803 -0.09922874 -0.06806407 0.05023540  22  ASN A CB  
186 C CG  A ASN A 22 ? 0.47506387 0.59622827 0.70187147 -0.11876422 -0.10549214 0.08487223  22  ASN A CG  
187 C CG  B ASN A 22 ? 0.50706089 0.51036982 0.66334832 -0.07437213 -0.04659594 -0.00467139 22  ASN A CG  
188 O OD1 A ASN A 22 ? 0.51626602 0.63717888 0.79926412 -0.11002964 -0.07774229 0.12595367  22  ASN A OD1 
189 O OD1 B ASN A 22 ? 0.62599103 0.59059931 0.66306042 -0.01721296 -0.00442323 -0.01845776 22  ASN A OD1 
190 N ND2 A ASN A 22 ? 0.43125959 0.64591414 0.70179365 -0.10514504 -0.14533812 0.09434235  22  ASN A ND2 
191 N ND2 B ASN A 22 ? 0.50597927 0.54904624 0.67497857 -0.03034721 -0.04996861 -0.01938961 22  ASN A ND2 
192 N N   . SER A 23 ? 0.49744399 0.50075910 0.74306090 -0.14068182 0.02297085  0.09780977  23  SER A N   
193 O O   . HOH B .  ? 0.57426782 0.43552607 0.31268469 -0.20395456 0.03742503  0.00661792  101 HOH A O   
194 O O   . HOH B .  ? 0.48017578 0.21076286 0.37164321 -0.03341921 0.14181041  -0.11443445 102 HOH A O   
195 O O   . HOH B .  ? 0.15824837 0.19958489 0.16098678 -0.01463828 0.00610867  -0.03797994 103 HOH A O   
196 O O   . HOH B .  ? 0.56776890 0.52204084 0.57572309 -0.06284154 0.27715200  -0.05449971 104 HOH A O   
197 O O   . HOH B .  ? 0.30097888 0.77651848 0.43341637 -0.06483291 0.00199843  0.01173013  105 HOH A O   
198 O O   . HOH B .  ? 0.77207222 0.30403872 0.45856067 -0.07089054 0.13281959  0.01222507  106 HOH A O   
199 O O   . HOH B .  ? 0.54062799 0.62303781 0.46870455 0.03568047  -0.01643473 -0.09259413 107 HOH A O   
200 O O   . HOH B .  ? 1.07235023 0.96557017 1.02922466 0.06275232  -0.04379009 0.09334657  108 HOH A O   
201 O O   . HOH B .  ? 1.05891213 0.22683959 1.35602925 -0.16365758 0.00317618  0.25945370  109 HOH A O   
202 O O   . HOH B .  ? 1.03824426 1.24328364 0.42612557 -0.43665622 0.49493185  0.22866474  110 HOH A O   
# 
